data_1I21
#
_entry.id   1I21
#
_cell.length_a   64.584
_cell.length_b   93.648
_cell.length_c   168.311
_cell.angle_alpha   90.00
_cell.angle_beta   90.00
_cell.angle_gamma   90.00
#
_symmetry.space_group_name_H-M   'P 21 21 21'
#
loop_
_entity.id
_entity.type
_entity.pdbx_description
1 polymer 'GLUCOSAMINE-PHOSPHATE N-ACETYLTRANSFERASE'
2 water water
#
_entity_poly.entity_id   1
_entity_poly.type   'polypeptide(L)'
_entity_poly.pdbx_seq_one_letter_code
;(MSE)SLPDGFYIRR(MSE)EEGDLEQVTETLKVLTTVGTITPESFCKLIKYWNEATVWNDNEDKKI(MSE)QYNP
(MSE)VIVDKRTETVAATGNIIIERKIIHELGLCGHIEDIAVNSKYQGQGLGKLLIDQLVTIGFDYGCYKIILDCDEKNV
KFYEKCGFSNAGVE(MSE)QIRK
;
_entity_poly.pdbx_strand_id   A,B,M,N,X,Y
#
# COMPACT_ATOMS: atom_id res chain seq x y z
N SER A 2 32.42 22.47 -18.03
CA SER A 2 32.40 23.89 -17.65
C SER A 2 31.02 24.53 -17.68
N LEU A 3 30.81 25.54 -16.84
CA LEU A 3 29.53 26.23 -16.82
C LEU A 3 29.81 27.71 -16.71
N PRO A 4 28.77 28.52 -16.81
CA PRO A 4 29.08 29.94 -16.72
C PRO A 4 29.56 30.57 -15.39
N ASP A 5 30.04 31.82 -15.51
CA ASP A 5 30.47 32.64 -14.40
C ASP A 5 31.43 31.93 -13.44
N GLY A 6 32.33 31.14 -14.03
CA GLY A 6 33.35 30.47 -13.27
C GLY A 6 33.04 29.28 -12.43
N PHE A 7 31.98 28.54 -12.75
CA PHE A 7 31.60 27.32 -12.01
C PHE A 7 31.74 26.19 -13.02
N TYR A 8 31.80 24.95 -12.53
CA TYR A 8 31.86 23.81 -13.42
C TYR A 8 31.21 22.65 -12.69
N ILE A 9 30.91 21.57 -13.40
CA ILE A 9 30.26 20.42 -12.82
C ILE A 9 31.05 19.17 -13.18
N ARG A 10 31.14 18.25 -12.24
CA ARG A 10 31.86 17.00 -12.39
C ARG A 10 31.26 15.97 -11.41
N ARG A 11 31.65 14.71 -11.56
CA ARG A 11 31.22 13.66 -10.63
C ARG A 11 31.84 13.92 -9.26
N GLU A 13 33.75 13.19 -5.77
CA GLU A 13 34.97 12.43 -5.52
C GLU A 13 35.12 12.21 -4.03
N GLU A 14 35.98 11.27 -3.66
CA GLU A 14 36.26 10.92 -2.29
C GLU A 14 36.63 12.12 -1.45
N GLY A 15 37.40 13.04 -2.02
CA GLY A 15 37.79 14.24 -1.28
C GLY A 15 36.66 15.23 -1.06
N ASP A 16 35.48 15.02 -1.65
CA ASP A 16 34.36 15.98 -1.46
C ASP A 16 33.61 15.78 -0.10
N LEU A 17 33.98 14.80 0.70
CA LEU A 17 33.22 14.57 1.95
C LEU A 17 32.78 15.77 2.78
N GLU A 18 33.72 16.57 3.27
CA GLU A 18 33.39 17.73 4.07
C GLU A 18 32.37 18.63 3.42
N GLN A 19 32.71 19.15 2.24
CA GLN A 19 31.85 20.09 1.56
C GLN A 19 30.48 19.62 1.15
N VAL A 20 30.39 18.37 0.74
CA VAL A 20 29.17 17.72 0.33
C VAL A 20 28.29 17.48 1.53
N THR A 21 28.84 16.97 2.63
CA THR A 21 28.00 16.77 3.80
C THR A 21 27.49 18.14 4.25
N GLU A 22 28.35 19.14 4.12
CA GLU A 22 27.95 20.47 4.50
C GLU A 22 26.81 21.00 3.62
N THR A 23 26.84 20.81 2.30
CA THR A 23 25.73 21.37 1.52
C THR A 23 24.45 20.50 1.59
N LEU A 24 24.62 19.20 1.88
CA LEU A 24 23.49 18.28 2.01
C LEU A 24 22.71 18.56 3.27
N LYS A 25 23.37 19.20 4.24
CA LYS A 25 22.72 19.53 5.51
C LYS A 25 21.50 20.40 5.27
N VAL A 26 21.56 21.18 4.21
CA VAL A 26 20.49 22.09 3.82
C VAL A 26 19.24 21.27 3.49
N LEU A 27 19.44 20.03 3.11
CA LEU A 27 18.34 19.17 2.75
C LEU A 27 17.84 18.45 3.98
N THR A 28 18.73 17.88 4.77
CA THR A 28 18.29 17.14 5.92
C THR A 28 19.45 16.81 6.83
N THR A 29 19.32 15.73 7.59
CA THR A 29 20.36 15.27 8.50
C THR A 29 21.32 14.34 7.78
N VAL A 30 22.61 14.65 7.87
CA VAL A 30 23.61 13.82 7.20
C VAL A 30 24.32 12.88 8.16
N GLY A 31 24.58 13.35 9.37
CA GLY A 31 25.23 12.51 10.35
C GLY A 31 26.74 12.34 10.23
N THR A 32 27.25 11.40 11.03
CA THR A 32 28.67 11.09 11.07
C THR A 32 29.03 10.18 9.90
N ILE A 33 30.05 10.53 9.16
CA ILE A 33 30.47 9.69 8.04
C ILE A 33 31.96 9.74 8.00
N THR A 34 32.60 8.58 8.18
CA THR A 34 34.04 8.56 8.18
C THR A 34 34.66 8.50 6.79
N PRO A 35 35.80 9.17 6.61
CA PRO A 35 36.49 9.19 5.31
C PRO A 35 36.56 7.81 4.68
N GLU A 36 36.63 6.77 5.50
CA GLU A 36 36.72 5.41 4.94
C GLU A 36 35.40 4.95 4.39
N SER A 37 34.33 5.13 5.16
CA SER A 37 33.02 4.72 4.71
C SER A 37 32.81 5.40 3.34
N PHE A 38 32.98 6.73 3.33
CA PHE A 38 32.82 7.54 2.12
C PHE A 38 33.54 7.04 0.88
N CYS A 39 34.83 6.68 1.02
CA CYS A 39 35.62 6.17 -0.10
C CYS A 39 35.03 4.86 -0.63
N LYS A 40 34.49 4.05 0.26
CA LYS A 40 33.87 2.81 -0.16
C LYS A 40 32.58 3.21 -0.87
N LEU A 41 31.84 4.16 -0.29
CA LEU A 41 30.62 4.64 -0.92
C LEU A 41 30.98 5.15 -2.33
N ILE A 42 31.96 6.04 -2.42
CA ILE A 42 32.33 6.56 -3.73
C ILE A 42 32.84 5.49 -4.67
N LYS A 43 33.52 4.45 -4.18
CA LYS A 43 34.00 3.45 -5.12
C LYS A 43 32.85 2.58 -5.60
N TYR A 44 31.81 2.45 -4.80
CA TYR A 44 30.63 1.69 -5.21
C TYR A 44 29.99 2.53 -6.31
N TRP A 45 29.71 3.80 -6.02
CA TRP A 45 29.11 4.68 -6.99
C TRP A 45 29.91 4.80 -8.29
N ASN A 46 31.21 4.53 -8.25
CA ASN A 46 31.99 4.65 -9.47
C ASN A 46 32.14 3.37 -10.23
N GLU A 47 31.74 2.26 -9.61
CA GLU A 47 31.80 0.97 -10.27
C GLU A 47 30.42 0.44 -10.67
N ALA A 48 29.35 0.79 -9.94
CA ALA A 48 27.98 0.32 -10.24
C ALA A 48 27.55 0.71 -11.64
N THR A 49 27.28 -0.32 -12.44
CA THR A 49 26.95 -0.19 -13.83
C THR A 49 25.57 -0.77 -14.17
N VAL A 50 24.90 -0.17 -15.16
CA VAL A 50 23.59 -0.64 -15.60
C VAL A 50 23.79 -1.44 -16.88
N TRP A 51 23.43 -2.70 -16.85
CA TRP A 51 23.57 -3.53 -18.04
C TRP A 51 22.83 -2.88 -19.18
N ASN A 52 23.49 -2.70 -20.32
CA ASN A 52 22.77 -2.10 -21.45
C ASN A 52 22.56 -2.95 -22.72
N ASP A 56 26.79 0.67 -27.33
CA ASP A 56 28.11 1.20 -27.01
C ASP A 56 28.09 2.36 -25.99
N LYS A 57 27.50 2.09 -24.81
CA LYS A 57 27.39 3.09 -23.76
C LYS A 57 27.85 2.47 -22.48
N LYS A 58 28.49 3.22 -21.58
CA LYS A 58 28.80 2.68 -20.25
C LYS A 58 27.76 3.45 -19.42
N ILE A 59 26.86 2.74 -18.73
CA ILE A 59 25.82 3.39 -17.94
C ILE A 59 26.02 3.26 -16.45
N GLN A 61 24.84 3.55 -12.63
CA GLN A 61 23.59 3.64 -11.89
C GLN A 61 23.45 4.97 -11.13
N TYR A 62 24.54 5.38 -10.52
CA TYR A 62 24.62 6.59 -9.76
C TYR A 62 25.42 7.62 -10.50
N ASN A 63 24.87 8.83 -10.54
CA ASN A 63 25.53 9.93 -11.20
C ASN A 63 25.48 11.13 -10.29
N PRO A 64 26.29 11.12 -9.22
CA PRO A 64 26.40 12.16 -8.19
C PRO A 64 27.26 13.30 -8.57
N VAL A 66 28.53 17.44 -8.43
CA VAL A 66 28.69 18.59 -7.60
C VAL A 66 28.98 19.72 -8.59
N ILE A 67 28.37 20.89 -8.34
CA ILE A 67 28.67 22.03 -9.16
C ILE A 67 29.69 22.74 -8.26
N VAL A 68 30.85 23.08 -8.82
CA VAL A 68 31.92 23.73 -8.06
C VAL A 68 32.29 25.12 -8.47
N ASP A 69 32.49 25.98 -7.48
CA ASP A 69 32.95 27.34 -7.77
C ASP A 69 34.46 27.19 -8.08
N LYS A 70 34.82 27.44 -9.34
CA LYS A 70 36.19 27.33 -9.78
C LYS A 70 37.14 28.24 -8.99
N ARG A 71 36.61 29.36 -8.52
CA ARG A 71 37.38 30.36 -7.78
C ARG A 71 38.17 29.88 -6.59
N THR A 72 37.57 28.97 -5.83
CA THR A 72 38.16 28.45 -4.62
C THR A 72 37.89 26.97 -4.51
N GLU A 73 37.53 26.35 -5.63
CA GLU A 73 37.18 24.93 -5.62
C GLU A 73 36.22 24.58 -4.46
N THR A 74 35.13 25.34 -4.30
CA THR A 74 34.16 25.09 -3.24
C THR A 74 32.89 24.58 -3.87
N VAL A 75 32.32 23.55 -3.25
CA VAL A 75 31.10 22.91 -3.73
C VAL A 75 29.93 23.84 -3.55
N ALA A 76 29.31 24.22 -4.66
CA ALA A 76 28.20 25.15 -4.59
C ALA A 76 26.84 24.42 -4.58
N ALA A 77 26.83 23.15 -4.98
CA ALA A 77 25.60 22.37 -5.07
C ALA A 77 25.86 20.92 -5.46
N THR A 78 24.94 20.04 -5.11
CA THR A 78 25.07 18.64 -5.45
C THR A 78 23.67 18.14 -5.80
N GLY A 79 23.65 17.10 -6.60
CA GLY A 79 22.41 16.48 -7.04
C GLY A 79 22.83 15.13 -7.61
N ASN A 80 21.93 14.15 -7.62
CA ASN A 80 22.23 12.81 -8.15
C ASN A 80 21.11 12.35 -9.09
N ILE A 81 21.43 11.47 -10.01
CA ILE A 81 20.38 10.90 -10.84
C ILE A 81 20.74 9.43 -10.91
N ILE A 82 19.81 8.61 -10.45
CA ILE A 82 19.96 7.20 -10.41
C ILE A 82 19.25 6.57 -11.59
N ILE A 83 19.92 5.64 -12.24
CA ILE A 83 19.36 4.99 -13.41
C ILE A 83 18.83 3.59 -13.10
N GLU A 84 17.60 3.33 -13.53
CA GLU A 84 16.96 2.00 -13.30
C GLU A 84 16.56 1.42 -14.63
N ARG A 85 16.75 0.10 -14.78
CA ARG A 85 16.33 -0.57 -15.98
C ARG A 85 15.03 -1.30 -15.68
N LYS A 86 14.01 -1.09 -16.49
CA LYS A 86 12.71 -1.76 -16.25
C LYS A 86 12.44 -2.78 -17.36
N ILE A 87 11.23 -3.31 -17.33
CA ILE A 87 10.78 -4.26 -18.35
C ILE A 87 9.86 -3.50 -19.31
N ILE A 88 8.99 -2.65 -18.74
CA ILE A 88 8.08 -1.89 -19.58
C ILE A 88 8.88 -1.02 -20.53
N HIS A 89 8.21 -0.49 -21.54
CA HIS A 89 8.87 0.36 -22.52
C HIS A 89 10.07 -0.32 -23.15
N GLU A 90 9.89 -1.58 -23.55
CA GLU A 90 10.93 -2.32 -24.24
C GLU A 90 12.22 -2.41 -23.48
N LEU A 91 12.11 -2.76 -22.20
CA LEU A 91 13.25 -2.85 -21.30
C LEU A 91 13.83 -1.47 -21.16
N GLY A 92 12.96 -0.48 -20.98
CA GLY A 92 13.43 0.88 -20.85
C GLY A 92 14.23 1.27 -19.60
N LEU A 93 14.79 2.48 -19.67
CA LEU A 93 15.55 3.10 -18.61
C LEU A 93 14.73 4.26 -18.03
N CYS A 94 14.70 4.33 -16.70
CA CYS A 94 14.02 5.45 -16.08
C CYS A 94 15.03 6.09 -15.13
N GLY A 95 15.17 7.39 -15.26
CA GLY A 95 16.06 8.12 -14.37
C GLY A 95 15.32 8.67 -13.11
N HIS A 96 16.02 8.74 -12.00
CA HIS A 96 15.43 9.21 -10.77
C HIS A 96 16.33 10.30 -10.19
N ILE A 97 15.88 11.54 -10.23
CA ILE A 97 16.69 12.61 -9.66
C ILE A 97 16.49 12.64 -8.15
N GLU A 98 17.57 12.56 -7.39
CA GLU A 98 17.53 12.52 -5.93
C GLU A 98 18.48 13.52 -5.29
N ASP A 99 18.24 13.82 -4.00
CA ASP A 99 19.10 14.68 -3.19
C ASP A 99 19.64 15.98 -3.75
N ILE A 100 18.72 16.85 -4.14
CA ILE A 100 19.11 18.11 -4.71
C ILE A 100 19.40 19.11 -3.64
N ALA A 101 20.57 19.71 -3.64
CA ALA A 101 20.86 20.70 -2.61
C ALA A 101 21.79 21.77 -3.14
N VAL A 102 21.33 23.01 -3.01
CA VAL A 102 22.12 24.14 -3.40
C VAL A 102 22.72 24.66 -2.09
N ASN A 103 24.03 24.89 -2.06
CA ASN A 103 24.68 25.33 -0.85
C ASN A 103 24.15 26.69 -0.45
N SER A 104 24.10 26.94 0.85
CA SER A 104 23.54 28.19 1.37
C SER A 104 24.15 29.49 0.88
N LYS A 105 25.47 29.53 0.70
CA LYS A 105 26.08 30.78 0.22
C LYS A 105 25.96 30.92 -1.29
N TYR A 106 25.32 29.95 -1.92
CA TYR A 106 25.22 29.97 -3.36
C TYR A 106 23.82 30.04 -3.86
N GLN A 107 22.90 30.22 -2.93
CA GLN A 107 21.50 30.27 -3.32
C GLN A 107 21.24 31.48 -4.16
N GLY A 108 20.15 31.39 -4.90
CA GLY A 108 19.73 32.47 -5.78
C GLY A 108 20.62 32.81 -6.95
N GLN A 109 21.59 31.98 -7.30
CA GLN A 109 22.46 32.32 -8.44
C GLN A 109 22.13 31.52 -9.68
N GLY A 110 21.03 30.76 -9.64
CA GLY A 110 20.60 29.99 -10.78
C GLY A 110 21.24 28.62 -10.89
N LEU A 111 22.03 28.23 -9.89
CA LEU A 111 22.70 26.95 -9.96
C LEU A 111 21.79 25.74 -9.87
N GLY A 112 20.69 25.88 -9.13
CA GLY A 112 19.74 24.79 -8.99
C GLY A 112 19.19 24.35 -10.32
N LYS A 113 18.79 25.32 -11.13
CA LYS A 113 18.25 25.01 -12.44
C LYS A 113 19.35 24.45 -13.34
N LEU A 114 20.59 24.96 -13.23
CA LEU A 114 21.66 24.40 -14.07
C LEU A 114 21.90 22.95 -13.69
N LEU A 115 21.87 22.67 -12.38
CA LEU A 115 22.14 21.30 -11.90
C LEU A 115 21.11 20.30 -12.44
N ILE A 116 19.83 20.66 -12.33
CA ILE A 116 18.77 19.82 -12.83
C ILE A 116 18.97 19.64 -14.33
N ASP A 117 19.19 20.71 -15.05
CA ASP A 117 19.37 20.59 -16.50
C ASP A 117 20.43 19.61 -16.84
N GLN A 118 21.53 19.65 -16.11
CA GLN A 118 22.61 18.69 -16.34
C GLN A 118 22.22 17.22 -16.04
N LEU A 119 21.48 17.01 -14.97
CA LEU A 119 21.07 15.67 -14.55
C LEU A 119 20.17 15.08 -15.62
N VAL A 120 19.23 15.87 -16.10
CA VAL A 120 18.30 15.51 -17.17
C VAL A 120 19.07 15.12 -18.42
N THR A 121 20.01 15.98 -18.79
CA THR A 121 20.86 15.79 -19.96
C THR A 121 21.55 14.45 -19.84
N ILE A 122 22.08 14.20 -18.66
CA ILE A 122 22.77 12.94 -18.45
C ILE A 122 21.80 11.77 -18.61
N GLY A 123 20.63 11.92 -18.01
CA GLY A 123 19.64 10.85 -18.07
C GLY A 123 19.21 10.54 -19.48
N PHE A 124 18.83 11.58 -20.24
CA PHE A 124 18.38 11.37 -21.60
C PHE A 124 19.47 10.85 -22.54
N ASP A 125 20.72 11.23 -22.34
CA ASP A 125 21.77 10.72 -23.21
C ASP A 125 21.90 9.22 -23.02
N TYR A 126 21.68 8.74 -21.81
CA TYR A 126 21.77 7.33 -21.50
C TYR A 126 20.61 6.61 -22.21
N GLY A 127 19.54 7.32 -22.50
CA GLY A 127 18.42 6.68 -23.14
C GLY A 127 17.17 6.55 -22.26
N CYS A 128 17.07 7.28 -21.16
CA CYS A 128 15.87 7.21 -20.34
C CYS A 128 14.70 7.69 -21.17
N TYR A 129 13.56 7.01 -21.03
CA TYR A 129 12.36 7.38 -21.73
C TYR A 129 11.67 8.41 -20.83
N LYS A 130 12.11 8.50 -19.58
CA LYS A 130 11.59 9.49 -18.65
C LYS A 130 12.49 9.63 -17.43
N ILE A 131 12.35 10.78 -16.78
CA ILE A 131 13.09 11.07 -15.59
C ILE A 131 12.09 11.62 -14.59
N ILE A 132 12.10 11.06 -13.40
CA ILE A 132 11.19 11.50 -12.37
C ILE A 132 11.94 11.93 -11.10
N LEU A 133 11.24 12.67 -10.26
CA LEU A 133 11.75 13.13 -9.01
C LEU A 133 10.54 13.53 -8.12
N ASP A 134 10.78 13.61 -6.84
CA ASP A 134 9.71 13.97 -5.93
C ASP A 134 9.97 15.31 -5.30
N CYS A 135 8.92 16.09 -5.06
CA CYS A 135 9.13 17.38 -4.42
C CYS A 135 7.94 17.83 -3.58
N ASP A 136 8.16 18.94 -2.89
CA ASP A 136 7.14 19.53 -2.09
C ASP A 136 6.39 20.46 -3.02
N GLU A 137 5.14 20.72 -2.67
CA GLU A 137 4.28 21.58 -3.44
C GLU A 137 4.94 22.94 -3.64
N LYS A 138 5.58 23.45 -2.61
CA LYS A 138 6.18 24.76 -2.76
C LYS A 138 7.22 24.79 -3.88
N ASN A 139 7.75 23.64 -4.26
CA ASN A 139 8.72 23.60 -5.36
C ASN A 139 8.23 23.11 -6.72
N VAL A 140 6.92 22.89 -6.84
CA VAL A 140 6.37 22.46 -8.11
C VAL A 140 6.69 23.51 -9.20
N LYS A 141 6.57 24.78 -8.83
CA LYS A 141 6.82 25.85 -9.79
C LYS A 141 8.23 25.73 -10.34
N PHE A 142 9.21 25.75 -9.44
CA PHE A 142 10.59 25.61 -9.86
C PHE A 142 10.84 24.42 -10.81
N TYR A 143 10.37 23.22 -10.48
CA TYR A 143 10.62 22.14 -11.41
C TYR A 143 9.83 22.29 -12.72
N GLU A 144 8.77 23.10 -12.67
CA GLU A 144 8.02 23.32 -13.89
C GLU A 144 8.90 24.17 -14.80
N LYS A 145 9.69 25.07 -14.20
CA LYS A 145 10.62 25.93 -14.95
C LYS A 145 11.78 25.12 -15.54
N CYS A 146 12.10 23.99 -14.92
CA CYS A 146 13.14 23.09 -15.43
C CYS A 146 12.53 22.12 -16.46
N GLY A 147 11.25 22.31 -16.78
CA GLY A 147 10.62 21.49 -17.79
C GLY A 147 9.89 20.26 -17.31
N PHE A 148 9.74 20.14 -16.00
CA PHE A 148 9.05 19.00 -15.45
C PHE A 148 7.54 19.26 -15.41
N SER A 149 6.75 18.18 -15.33
CA SER A 149 5.30 18.23 -15.29
C SER A 149 4.76 17.42 -14.11
N ASN A 150 3.60 17.81 -13.63
CA ASN A 150 3.00 17.10 -12.53
C ASN A 150 2.65 15.70 -13.03
N ALA A 151 2.95 14.67 -12.25
CA ALA A 151 2.71 13.33 -12.74
C ALA A 151 2.09 12.38 -11.76
N GLY A 152 2.00 12.75 -10.49
CA GLY A 152 1.40 11.85 -9.54
C GLY A 152 1.61 12.34 -8.15
N VAL A 153 1.51 11.45 -7.18
CA VAL A 153 1.68 11.75 -5.79
C VAL A 153 2.73 10.84 -5.18
N GLU A 154 3.55 11.40 -4.30
CA GLU A 154 4.55 10.58 -3.67
C GLU A 154 4.05 9.97 -2.34
N GLN A 156 5.00 7.48 1.06
CA GLN A 156 6.17 7.06 1.80
C GLN A 156 5.81 6.28 3.03
N ILE A 157 6.75 5.47 3.50
CA ILE A 157 6.55 4.72 4.72
C ILE A 157 7.93 4.60 5.32
N ARG A 158 8.05 5.09 6.56
CA ARG A 158 9.34 5.10 7.26
C ARG A 158 9.42 3.94 8.22
N SER B 2 5.47 -18.67 1.03
CA SER B 2 4.12 -19.17 0.71
C SER B 2 3.03 -18.24 1.26
N LEU B 3 2.06 -17.87 0.42
CA LEU B 3 0.96 -16.99 0.84
C LEU B 3 -0.37 -17.76 1.10
N PRO B 4 -1.42 -17.04 1.53
CA PRO B 4 -2.67 -17.75 1.78
C PRO B 4 -3.36 -18.15 0.48
N ASP B 5 -4.29 -19.10 0.59
CA ASP B 5 -5.12 -19.59 -0.51
C ASP B 5 -4.45 -20.17 -1.77
N GLY B 6 -3.29 -20.78 -1.61
CA GLY B 6 -2.65 -21.37 -2.78
C GLY B 6 -1.82 -20.45 -3.65
N PHE B 7 -1.36 -19.34 -3.09
CA PHE B 7 -0.52 -18.41 -3.85
C PHE B 7 0.83 -18.43 -3.17
N TYR B 8 1.88 -18.06 -3.89
CA TYR B 8 3.20 -17.95 -3.27
C TYR B 8 3.92 -16.83 -3.99
N ILE B 9 4.91 -16.26 -3.33
CA ILE B 9 5.67 -15.16 -3.89
C ILE B 9 7.16 -15.51 -3.96
N ARG B 10 7.77 -15.18 -5.10
CA ARG B 10 9.18 -15.46 -5.33
C ARG B 10 9.78 -14.42 -6.27
N ARG B 11 11.09 -14.48 -6.49
CA ARG B 11 11.77 -13.58 -7.41
C ARG B 11 11.43 -13.96 -8.81
N GLU B 13 11.77 -14.93 -12.72
CA GLU B 13 12.70 -15.85 -13.41
C GLU B 13 12.58 -15.66 -14.91
N GLU B 14 13.63 -16.06 -15.66
CA GLU B 14 13.65 -15.90 -17.12
C GLU B 14 12.42 -16.48 -17.78
N GLY B 15 11.94 -17.61 -17.25
CA GLY B 15 10.77 -18.26 -17.83
C GLY B 15 9.50 -17.45 -17.65
N ASP B 16 9.53 -16.41 -16.83
CA ASP B 16 8.31 -15.61 -16.58
C ASP B 16 7.96 -14.60 -17.67
N LEU B 17 8.78 -14.50 -18.70
CA LEU B 17 8.56 -13.54 -19.77
C LEU B 17 7.12 -13.31 -20.30
N GLU B 18 6.44 -14.34 -20.82
CA GLU B 18 5.08 -14.19 -21.35
C GLU B 18 4.07 -13.68 -20.34
N GLN B 19 3.97 -14.35 -19.21
CA GLN B 19 3.00 -13.96 -18.19
C GLN B 19 3.23 -12.59 -17.56
N VAL B 20 4.49 -12.22 -17.35
CA VAL B 20 4.75 -10.93 -16.74
C VAL B 20 4.52 -9.84 -17.74
N THR B 21 4.90 -10.06 -18.98
CA THR B 21 4.65 -9.00 -19.94
C THR B 21 3.16 -8.85 -20.02
N GLU B 22 2.46 -9.98 -19.95
CA GLU B 22 1.03 -9.92 -20.03
C GLU B 22 0.40 -9.13 -18.89
N THR B 23 0.80 -9.39 -17.66
CA THR B 23 0.18 -8.68 -16.58
C THR B 23 0.62 -7.23 -16.50
N LEU B 24 1.83 -6.94 -16.98
CA LEU B 24 2.36 -5.58 -16.96
C LEU B 24 1.65 -4.69 -17.95
N LYS B 25 1.05 -5.31 -18.96
CA LYS B 25 0.35 -4.50 -19.94
C LYS B 25 -0.80 -3.78 -19.23
N VAL B 26 -1.24 -4.37 -18.13
CA VAL B 26 -2.29 -3.81 -17.29
C VAL B 26 -1.83 -2.40 -16.85
N LEU B 27 -0.52 -2.28 -16.62
CA LEU B 27 0.08 -1.01 -16.20
C LEU B 27 0.24 -0.08 -17.41
N THR B 28 0.96 -0.52 -18.44
CA THR B 28 1.18 0.33 -19.61
C THR B 28 1.68 -0.47 -20.79
N THR B 29 2.49 0.18 -21.64
CA THR B 29 3.06 -0.42 -22.83
C THR B 29 4.25 -1.29 -22.50
N VAL B 30 4.21 -2.55 -22.90
CA VAL B 30 5.28 -3.47 -22.63
C VAL B 30 6.20 -3.59 -23.83
N GLY B 31 5.60 -3.75 -25.01
CA GLY B 31 6.39 -3.90 -26.22
C GLY B 31 6.98 -5.28 -26.52
N THR B 32 7.81 -5.31 -27.56
CA THR B 32 8.46 -6.52 -28.02
C THR B 32 9.65 -6.79 -27.14
N ILE B 33 9.77 -8.03 -26.66
CA ILE B 33 10.89 -8.38 -25.81
C ILE B 33 11.31 -9.80 -26.09
N THR B 34 12.49 -9.96 -26.68
CA THR B 34 12.98 -11.28 -27.03
C THR B 34 13.44 -12.05 -25.81
N PRO B 35 13.22 -13.38 -25.80
CA PRO B 35 13.62 -14.23 -24.69
C PRO B 35 15.08 -14.03 -24.28
N GLU B 36 15.90 -13.62 -25.22
CA GLU B 36 17.31 -13.38 -24.95
C GLU B 36 17.51 -12.08 -24.22
N SER B 37 16.82 -11.05 -24.69
CA SER B 37 16.92 -9.75 -24.04
C SER B 37 16.58 -10.03 -22.58
N PHE B 38 15.40 -10.64 -22.37
CA PHE B 38 14.90 -10.96 -21.02
C PHE B 38 15.89 -11.71 -20.09
N CYS B 39 16.58 -12.74 -20.59
CA CYS B 39 17.53 -13.49 -19.76
C CYS B 39 18.68 -12.62 -19.31
N LYS B 40 19.13 -11.73 -20.17
CA LYS B 40 20.21 -10.82 -19.83
C LYS B 40 19.66 -9.80 -18.81
N LEU B 41 18.43 -9.34 -19.05
CA LEU B 41 17.79 -8.44 -18.09
C LEU B 41 17.71 -9.18 -16.75
N ILE B 42 17.22 -10.41 -16.78
CA ILE B 42 17.11 -11.20 -15.57
C ILE B 42 18.48 -11.42 -14.91
N LYS B 43 19.50 -11.65 -15.74
CA LYS B 43 20.83 -11.91 -15.21
C LYS B 43 21.36 -10.67 -14.52
N TYR B 44 21.01 -9.50 -15.06
CA TYR B 44 21.44 -8.22 -14.48
C TYR B 44 20.73 -8.05 -13.15
N TRP B 45 19.43 -8.27 -13.15
CA TRP B 45 18.67 -8.15 -11.91
C TRP B 45 19.09 -9.10 -10.82
N ASN B 46 19.67 -10.25 -11.18
CA ASN B 46 20.08 -11.20 -10.14
C ASN B 46 21.54 -11.07 -9.74
N GLU B 47 22.25 -10.18 -10.42
CA GLU B 47 23.66 -9.95 -10.13
C GLU B 47 23.92 -8.60 -9.46
N ALA B 48 23.18 -7.58 -9.89
CA ALA B 48 23.35 -6.25 -9.34
C ALA B 48 23.16 -6.21 -7.83
N THR B 49 24.20 -5.76 -7.15
CA THR B 49 24.25 -5.69 -5.69
C THR B 49 24.51 -4.32 -5.14
N VAL B 50 23.99 -4.06 -3.96
CA VAL B 50 24.19 -2.79 -3.30
C VAL B 50 25.27 -2.94 -2.22
N TRP B 51 26.30 -2.12 -2.36
CA TRP B 51 27.41 -2.14 -1.45
C TRP B 51 26.90 -2.04 -0.06
N ASN B 52 27.40 -2.96 0.74
CA ASN B 52 27.10 -3.08 2.15
C ASN B 52 28.45 -2.84 2.82
N ASP B 53 28.84 -3.66 3.78
CA ASP B 53 30.16 -3.49 4.41
C ASP B 53 30.52 -4.94 4.60
N ASN B 54 29.77 -5.54 5.51
CA ASN B 54 29.89 -6.93 5.87
C ASN B 54 29.21 -7.80 4.84
N ASP B 56 26.90 -9.28 7.00
CA ASP B 56 27.16 -10.35 6.05
C ASP B 56 25.93 -10.62 5.21
N LYS B 57 25.09 -9.61 5.07
CA LYS B 57 23.88 -9.79 4.31
C LYS B 57 24.01 -9.15 2.93
N LYS B 58 23.59 -9.88 1.91
CA LYS B 58 23.66 -9.48 0.52
C LYS B 58 22.43 -8.68 0.11
N ILE B 59 22.63 -7.42 -0.32
CA ILE B 59 21.54 -6.53 -0.74
C ILE B 59 21.37 -6.44 -2.26
N GLN B 61 19.85 -4.78 -5.61
CA GLN B 61 19.36 -3.50 -6.03
C GLN B 61 17.93 -3.70 -6.52
N TYR B 62 17.74 -4.73 -7.34
CA TYR B 62 16.42 -5.05 -7.88
C TYR B 62 15.80 -6.26 -7.16
N ASN B 63 14.53 -6.18 -6.79
CA ASN B 63 13.82 -7.24 -6.10
C ASN B 63 12.46 -7.42 -6.77
N PRO B 64 12.48 -7.90 -8.02
CA PRO B 64 11.36 -8.16 -8.93
C PRO B 64 10.55 -9.40 -8.53
N VAL B 66 7.03 -11.84 -8.26
CA VAL B 66 5.79 -12.24 -8.93
C VAL B 66 5.01 -13.08 -7.88
N ILE B 67 3.72 -12.77 -7.69
CA ILE B 67 2.88 -13.59 -6.79
C ILE B 67 2.35 -14.64 -7.77
N VAL B 68 2.55 -15.91 -7.44
CA VAL B 68 2.15 -17.03 -8.32
C VAL B 68 0.98 -17.87 -7.86
N ASP B 69 0.01 -18.16 -8.74
CA ASP B 69 -1.11 -19.02 -8.37
C ASP B 69 -0.48 -20.40 -8.41
N LYS B 70 -0.38 -21.05 -7.26
CA LYS B 70 0.21 -22.38 -7.19
C LYS B 70 -0.63 -23.37 -8.00
N ARG B 71 -1.94 -23.15 -8.06
CA ARG B 71 -2.77 -24.10 -8.77
C ARG B 71 -2.36 -24.40 -10.19
N THR B 72 -1.94 -23.36 -10.93
CA THR B 72 -1.55 -23.52 -12.32
C THR B 72 -0.24 -22.82 -12.63
N GLU B 73 0.52 -22.49 -11.59
CA GLU B 73 1.76 -21.79 -11.81
C GLU B 73 1.59 -20.55 -12.70
N THR B 74 0.48 -19.81 -12.57
CA THR B 74 0.35 -18.61 -13.38
C THR B 74 0.62 -17.40 -12.50
N VAL B 75 1.16 -16.34 -13.11
CA VAL B 75 1.50 -15.10 -12.40
C VAL B 75 0.25 -14.29 -12.14
N ALA B 76 0.01 -14.07 -10.85
CA ALA B 76 -1.16 -13.30 -10.44
C ALA B 76 -0.81 -11.83 -10.30
N ALA B 77 0.44 -11.56 -9.96
CA ALA B 77 0.81 -10.17 -9.80
C ALA B 77 2.31 -10.00 -9.78
N THR B 78 2.75 -8.77 -10.02
CA THR B 78 4.16 -8.42 -10.01
C THR B 78 4.40 -7.01 -9.48
N GLY B 79 5.55 -6.87 -8.83
CA GLY B 79 5.98 -5.61 -8.24
C GLY B 79 7.47 -5.69 -8.03
N ASN B 80 8.11 -4.54 -7.90
CA ASN B 80 9.56 -4.51 -7.73
C ASN B 80 9.93 -3.42 -6.66
N ILE B 81 11.01 -3.60 -5.92
CA ILE B 81 11.40 -2.55 -5.00
C ILE B 81 12.89 -2.44 -5.30
N ILE B 82 13.29 -1.24 -5.73
CA ILE B 82 14.66 -0.97 -6.10
C ILE B 82 15.31 -0.36 -4.87
N ILE B 83 16.52 -0.81 -4.57
CA ILE B 83 17.26 -0.32 -3.43
C ILE B 83 18.36 0.70 -3.76
N GLU B 84 18.26 1.88 -3.15
CA GLU B 84 19.23 2.96 -3.37
C GLU B 84 20.06 3.26 -2.11
N ARG B 85 21.36 3.56 -2.29
CA ARG B 85 22.15 3.94 -1.13
C ARG B 85 22.48 5.39 -1.27
N LYS B 86 22.21 6.16 -0.21
CA LYS B 86 22.49 7.59 -0.21
C LYS B 86 23.63 7.96 0.71
N ILE B 87 23.82 9.25 0.84
CA ILE B 87 24.83 9.75 1.72
C ILE B 87 24.07 10.20 2.98
N ILE B 88 22.91 10.80 2.79
CA ILE B 88 22.12 11.26 3.93
C ILE B 88 21.70 10.07 4.79
N HIS B 89 21.24 10.37 6.01
CA HIS B 89 20.81 9.36 6.96
C HIS B 89 21.91 8.34 7.16
N GLU B 90 23.14 8.82 7.34
CA GLU B 90 24.29 7.94 7.60
C GLU B 90 24.53 6.88 6.54
N LEU B 91 24.62 7.29 5.29
CA LEU B 91 24.78 6.40 4.16
C LEU B 91 23.58 5.50 4.23
N GLY B 92 22.41 6.15 4.30
CA GLY B 92 21.16 5.39 4.39
C GLY B 92 20.72 4.65 3.13
N LEU B 93 19.73 3.77 3.32
CA LEU B 93 19.16 2.99 2.23
C LEU B 93 17.73 3.44 1.99
N CYS B 94 17.38 3.67 0.74
CA CYS B 94 16.03 4.06 0.43
C CYS B 94 15.48 3.04 -0.56
N GLY B 95 14.27 2.53 -0.27
CA GLY B 95 13.61 1.61 -1.16
C GLY B 95 12.66 2.38 -2.07
N HIS B 96 12.49 1.93 -3.30
CA HIS B 96 11.63 2.60 -4.25
C HIS B 96 10.80 1.49 -4.88
N ILE B 97 9.52 1.46 -4.58
CA ILE B 97 8.63 0.45 -5.14
C ILE B 97 8.22 0.91 -6.53
N GLU B 98 8.29 -0.01 -7.48
CA GLU B 98 7.95 0.33 -8.87
C GLU B 98 7.16 -0.79 -9.59
N ASP B 99 6.54 -0.41 -10.70
CA ASP B 99 5.81 -1.31 -11.56
C ASP B 99 4.92 -2.35 -10.91
N ILE B 100 3.96 -1.91 -10.10
CA ILE B 100 3.05 -2.83 -9.48
C ILE B 100 1.91 -3.09 -10.43
N ALA B 101 1.57 -4.35 -10.61
CA ALA B 101 0.47 -4.74 -11.49
C ALA B 101 -0.16 -6.03 -10.96
N VAL B 102 -1.49 -6.04 -10.91
CA VAL B 102 -2.19 -7.22 -10.50
C VAL B 102 -2.82 -7.73 -11.78
N ASN B 103 -2.65 -9.01 -12.05
CA ASN B 103 -3.15 -9.65 -13.28
C ASN B 103 -4.69 -9.50 -13.37
N SER B 104 -5.19 -9.23 -14.58
CA SER B 104 -6.63 -9.01 -14.78
C SER B 104 -7.56 -10.08 -14.22
N LYS B 105 -7.16 -11.33 -14.31
CA LYS B 105 -8.03 -12.36 -13.81
C LYS B 105 -7.86 -12.55 -12.31
N TYR B 106 -7.02 -11.73 -11.67
CA TYR B 106 -6.87 -11.86 -10.24
C TYR B 106 -7.15 -10.56 -9.49
N GLN B 107 -7.83 -9.64 -10.15
CA GLN B 107 -8.16 -8.41 -9.46
C GLN B 107 -9.17 -8.70 -8.37
N GLY B 108 -9.27 -7.79 -7.39
CA GLY B 108 -10.20 -7.91 -6.30
C GLY B 108 -9.96 -9.05 -5.32
N GLN B 109 -8.79 -9.70 -5.34
CA GLN B 109 -8.55 -10.79 -4.41
C GLN B 109 -7.65 -10.39 -3.24
N GLY B 110 -7.19 -9.14 -3.24
CA GLY B 110 -6.36 -8.66 -2.15
C GLY B 110 -4.88 -8.94 -2.34
N LEU B 111 -4.51 -9.36 -3.55
CA LEU B 111 -3.12 -9.66 -3.85
C LEU B 111 -2.28 -8.41 -3.90
N GLY B 112 -2.82 -7.33 -4.47
CA GLY B 112 -2.09 -6.07 -4.54
C GLY B 112 -1.52 -5.63 -3.19
N LYS B 113 -2.36 -5.67 -2.17
CA LYS B 113 -1.95 -5.28 -0.83
C LYS B 113 -0.95 -6.27 -0.29
N LEU B 114 -1.13 -7.56 -0.58
CA LEU B 114 -0.17 -8.54 -0.08
C LEU B 114 1.18 -8.33 -0.72
N LEU B 115 1.17 -8.00 -2.00
CA LEU B 115 2.40 -7.75 -2.75
C LEU B 115 3.11 -6.53 -2.11
N ILE B 116 2.37 -5.44 -1.87
CA ILE B 116 2.97 -4.26 -1.29
C ILE B 116 3.58 -4.60 0.04
N ASP B 117 2.79 -5.25 0.90
CA ASP B 117 3.31 -5.60 2.21
C ASP B 117 4.64 -6.33 2.15
N GLN B 118 4.78 -7.25 1.20
CA GLN B 118 6.00 -8.01 1.07
C GLN B 118 7.19 -7.19 0.60
N LEU B 119 6.95 -6.22 -0.28
CA LEU B 119 8.02 -5.40 -0.83
C LEU B 119 8.57 -4.59 0.31
N VAL B 120 7.64 -4.06 1.11
CA VAL B 120 7.95 -3.23 2.29
C VAL B 120 8.81 -4.05 3.27
N THR B 121 8.43 -5.30 3.46
CA THR B 121 9.17 -6.17 4.37
C THR B 121 10.57 -6.37 3.81
N ILE B 122 10.63 -6.61 2.51
CA ILE B 122 11.92 -6.78 1.87
C ILE B 122 12.81 -5.56 2.09
N GLY B 123 12.26 -4.39 1.83
CA GLY B 123 13.02 -3.17 2.01
C GLY B 123 13.44 -2.90 3.43
N PHE B 124 12.53 -3.07 4.38
CA PHE B 124 12.87 -2.82 5.77
C PHE B 124 13.87 -3.84 6.34
N ASP B 125 13.83 -5.07 5.85
CA ASP B 125 14.78 -6.04 6.36
C ASP B 125 16.19 -5.66 5.90
N TYR B 126 16.30 -5.07 4.71
CA TYR B 126 17.60 -4.66 4.19
C TYR B 126 18.11 -3.50 5.02
N GLY B 127 17.20 -2.73 5.60
CA GLY B 127 17.63 -1.61 6.41
C GLY B 127 17.19 -0.24 5.91
N CYS B 128 16.24 -0.19 4.96
CA CYS B 128 15.79 1.11 4.44
C CYS B 128 15.23 1.98 5.53
N TYR B 129 15.57 3.26 5.55
CA TYR B 129 14.99 4.09 6.58
C TYR B 129 13.63 4.56 6.06
N LYS B 130 13.37 4.24 4.81
CA LYS B 130 12.10 4.58 4.24
C LYS B 130 11.96 3.86 2.88
N ILE B 131 10.75 3.87 2.36
CA ILE B 131 10.42 3.22 1.11
C ILE B 131 9.41 4.13 0.52
N ILE B 132 9.62 4.50 -0.74
CA ILE B 132 8.73 5.40 -1.41
C ILE B 132 8.24 4.84 -2.74
N LEU B 133 7.15 5.42 -3.22
CA LEU B 133 6.57 5.07 -4.48
C LEU B 133 5.69 6.25 -4.94
N ASP B 134 5.29 6.22 -6.20
CA ASP B 134 4.48 7.29 -6.74
C ASP B 134 3.19 6.67 -7.20
N CYS B 135 2.10 7.43 -7.14
CA CYS B 135 0.83 6.90 -7.59
C CYS B 135 -0.07 8.02 -8.00
N ASP B 136 -1.22 7.61 -8.51
CA ASP B 136 -2.22 8.54 -8.92
C ASP B 136 -3.01 8.87 -7.67
N GLU B 137 -3.71 10.00 -7.72
CA GLU B 137 -4.54 10.43 -6.62
C GLU B 137 -5.63 9.39 -6.41
N LYS B 138 -6.18 8.84 -7.48
CA LYS B 138 -7.22 7.79 -7.34
C LYS B 138 -6.77 6.67 -6.38
N ASN B 139 -5.47 6.40 -6.35
CA ASN B 139 -4.92 5.32 -5.55
C ASN B 139 -4.31 5.70 -4.23
N VAL B 140 -4.40 6.97 -3.85
CA VAL B 140 -3.88 7.42 -2.56
C VAL B 140 -4.48 6.55 -1.44
N LYS B 141 -5.81 6.39 -1.49
CA LYS B 141 -6.54 5.62 -0.49
C LYS B 141 -5.95 4.23 -0.34
N PHE B 142 -5.78 3.56 -1.47
CA PHE B 142 -5.21 2.22 -1.47
C PHE B 142 -3.83 2.19 -0.76
N TYR B 143 -2.95 3.16 -1.06
CA TYR B 143 -1.63 3.13 -0.44
C TYR B 143 -1.71 3.52 1.00
N GLU B 144 -2.71 4.32 1.35
CA GLU B 144 -2.90 4.65 2.79
C GLU B 144 -3.27 3.35 3.57
N LYS B 145 -4.04 2.45 2.95
CA LYS B 145 -4.40 1.17 3.58
C LYS B 145 -3.15 0.25 3.72
N CYS B 146 -2.18 0.40 2.81
CA CYS B 146 -0.95 -0.37 2.89
C CYS B 146 0.06 0.28 3.88
N GLY B 147 -0.38 1.30 4.62
CA GLY B 147 0.49 1.94 5.58
C GLY B 147 1.35 3.08 5.08
N PHE B 148 1.09 3.59 3.87
CA PHE B 148 1.88 4.71 3.38
C PHE B 148 1.11 5.95 3.66
N SER B 149 1.84 7.07 3.66
CA SER B 149 1.22 8.37 3.90
C SER B 149 1.71 9.34 2.82
N ASN B 150 0.89 10.35 2.54
CA ASN B 150 1.24 11.34 1.52
C ASN B 150 2.59 12.01 1.88
N ALA B 151 3.50 12.11 0.91
CA ALA B 151 4.81 12.68 1.20
C ALA B 151 5.28 13.78 0.24
N GLY B 152 4.57 13.97 -0.85
CA GLY B 152 5.02 14.98 -1.78
C GLY B 152 4.36 14.82 -3.12
N VAL B 153 4.92 15.47 -4.12
CA VAL B 153 4.37 15.47 -5.47
C VAL B 153 5.39 14.88 -6.41
N GLU B 154 4.95 14.02 -7.32
CA GLU B 154 5.83 13.43 -8.28
C GLU B 154 5.88 14.29 -9.55
N GLN B 156 7.73 14.75 -13.52
CA GLN B 156 8.36 13.92 -14.52
C GLN B 156 8.71 14.71 -15.74
N ILE B 157 9.67 14.23 -16.52
CA ILE B 157 9.99 14.90 -17.76
C ILE B 157 10.30 13.72 -18.69
N ARG B 158 9.74 13.75 -19.88
CA ARG B 158 9.93 12.67 -20.85
C ARG B 158 10.77 13.17 -22.02
N SER C 2 28.85 12.74 36.93
CA SER C 2 29.65 13.39 35.88
C SER C 2 30.48 12.46 35.04
N LEU C 3 30.64 12.85 33.79
CA LEU C 3 31.40 12.11 32.81
C LEU C 3 32.36 13.12 32.24
N PRO C 4 33.35 12.67 31.45
CA PRO C 4 34.29 13.62 30.88
C PRO C 4 33.73 14.63 29.87
N ASP C 5 34.42 15.76 29.78
CA ASP C 5 34.16 16.86 28.85
C ASP C 5 32.92 17.69 28.99
N GLY C 6 32.52 17.94 30.22
CA GLY C 6 31.34 18.76 30.45
C GLY C 6 30.00 18.03 30.31
N PHE C 7 29.99 16.72 30.55
CA PHE C 7 28.76 15.94 30.45
C PHE C 7 28.47 15.27 31.79
N TYR C 8 27.24 14.77 31.93
CA TYR C 8 26.84 14.03 33.12
C TYR C 8 25.65 13.15 32.77
N ILE C 9 25.42 12.11 33.56
CA ILE C 9 24.33 11.23 33.25
C ILE C 9 23.43 11.14 34.44
N ARG C 10 22.12 11.07 34.14
CA ARG C 10 21.05 11.01 35.14
C ARG C 10 19.81 10.40 34.50
N ARG C 11 18.83 10.08 35.32
CA ARG C 11 17.59 9.49 34.84
C ARG C 11 16.79 10.57 34.12
N GLU C 13 13.83 12.96 33.05
CA GLU C 13 12.86 13.71 33.84
C GLU C 13 11.72 14.21 32.98
N GLU C 14 10.64 14.62 33.61
CA GLU C 14 9.47 15.12 32.87
C GLU C 14 9.86 16.25 31.93
N GLY C 15 10.77 17.13 32.32
CA GLY C 15 11.15 18.23 31.44
C GLY C 15 11.99 17.89 30.21
N ASP C 16 12.55 16.69 30.17
CA ASP C 16 13.36 16.30 29.02
C ASP C 16 12.57 15.98 27.74
N LEU C 17 11.25 15.94 27.82
CA LEU C 17 10.45 15.62 26.65
C LEU C 17 10.97 16.10 25.27
N GLU C 18 10.93 17.41 25.03
CA GLU C 18 11.35 17.97 23.73
C GLU C 18 12.74 17.52 23.28
N GLN C 19 13.69 17.52 24.21
CA GLN C 19 15.03 17.12 23.88
C GLN C 19 15.15 15.64 23.62
N VAL C 20 14.47 14.83 24.42
CA VAL C 20 14.49 13.38 24.23
C VAL C 20 13.87 13.06 22.86
N THR C 21 12.73 13.66 22.52
CA THR C 21 12.15 13.32 21.21
C THR C 21 13.06 13.77 20.10
N GLU C 22 13.66 14.95 20.24
CA GLU C 22 14.57 15.43 19.21
C GLU C 22 15.77 14.47 19.06
N THR C 23 16.22 13.85 20.13
CA THR C 23 17.35 12.97 19.91
C THR C 23 16.93 11.60 19.40
N LEU C 24 15.72 11.16 19.78
CA LEU C 24 15.21 9.88 19.34
C LEU C 24 14.80 9.89 17.87
N LYS C 25 14.57 11.07 17.31
CA LYS C 25 14.15 11.08 15.92
C LYS C 25 15.23 10.48 15.01
N VAL C 26 16.47 10.45 15.49
CA VAL C 26 17.59 9.91 14.72
C VAL C 26 17.38 8.39 14.54
N LEU C 27 16.60 7.83 15.46
CA LEU C 27 16.31 6.42 15.50
C LEU C 27 15.02 6.14 14.75
N THR C 28 13.98 6.91 15.00
CA THR C 28 12.72 6.67 14.31
C THR C 28 11.76 7.83 14.43
N THR C 29 10.64 7.63 13.79
CA THR C 29 9.59 8.59 13.82
C THR C 29 8.97 8.47 15.22
N VAL C 30 9.02 9.59 15.92
CA VAL C 30 8.55 9.74 17.28
C VAL C 30 7.08 10.08 17.24
N GLY C 31 6.74 11.02 16.37
CA GLY C 31 5.36 11.43 16.22
C GLY C 31 4.87 12.28 17.35
N THR C 32 3.58 12.51 17.36
CA THR C 32 2.98 13.35 18.38
C THR C 32 2.92 12.72 19.77
N ILE C 33 3.45 13.43 20.74
CA ILE C 33 3.43 12.94 22.10
C ILE C 33 2.84 14.01 23.00
N THR C 34 1.75 13.69 23.67
CA THR C 34 1.15 14.67 24.53
C THR C 34 1.90 14.77 25.84
N PRO C 35 2.29 16.00 26.22
CA PRO C 35 3.03 16.26 27.45
C PRO C 35 2.43 15.63 28.69
N GLU C 36 1.11 15.70 28.87
CA GLU C 36 0.48 15.09 30.05
C GLU C 36 0.79 13.58 30.08
N SER C 37 0.65 12.91 28.94
CA SER C 37 0.92 11.49 28.85
C SER C 37 2.37 11.18 29.16
N PHE C 38 3.29 11.93 28.58
CA PHE C 38 4.70 11.69 28.84
C PHE C 38 5.01 11.84 30.33
N CYS C 39 4.42 12.84 30.97
CA CYS C 39 4.61 13.07 32.39
C CYS C 39 4.05 11.89 33.19
N LYS C 40 2.89 11.38 32.80
CA LYS C 40 2.34 10.25 33.51
C LYS C 40 3.27 9.09 33.24
N LEU C 41 3.81 9.03 32.03
CA LEU C 41 4.72 7.96 31.65
C LEU C 41 6.02 8.00 32.47
N ILE C 42 6.59 9.19 32.67
CA ILE C 42 7.80 9.29 33.46
C ILE C 42 7.51 8.89 34.89
N LYS C 43 6.32 9.20 35.41
CA LYS C 43 6.00 8.83 36.79
C LYS C 43 5.98 7.31 36.92
N TYR C 44 5.29 6.63 36.00
CA TYR C 44 5.23 5.18 36.06
C TYR C 44 6.67 4.61 36.07
N TRP C 45 7.52 5.01 35.13
CA TRP C 45 8.89 4.52 35.11
C TRP C 45 9.68 4.86 36.38
N ASN C 46 9.16 5.78 37.20
CA ASN C 46 9.87 6.11 38.44
C ASN C 46 9.23 5.44 39.66
N GLU C 47 8.21 4.62 39.43
CA GLU C 47 7.59 3.91 40.53
C GLU C 47 7.68 2.39 40.38
N ALA C 48 7.62 1.89 39.15
CA ALA C 48 7.67 0.47 38.86
C ALA C 48 8.99 -0.18 39.33
N THR C 49 8.88 -1.06 40.33
CA THR C 49 10.04 -1.76 40.86
C THR C 49 9.94 -3.21 40.44
N VAL C 50 11.08 -3.89 40.43
CA VAL C 50 11.13 -5.30 40.07
C VAL C 50 11.11 -6.04 41.39
N TRP C 51 10.23 -7.04 41.56
CA TRP C 51 10.25 -7.78 42.84
C TRP C 51 11.71 -8.12 43.06
N ASN C 52 12.34 -7.43 44.01
CA ASN C 52 13.78 -7.57 44.23
C ASN C 52 14.39 -8.66 45.11
N ASP C 53 15.73 -8.64 45.10
CA ASP C 53 16.60 -9.57 45.84
C ASP C 53 16.52 -9.32 47.35
N ASN C 54 15.33 -8.90 47.77
CA ASN C 54 15.03 -8.66 49.18
C ASN C 54 15.85 -7.52 49.76
N LYS C 57 17.63 -3.74 48.56
CA LYS C 57 18.11 -3.39 47.22
C LYS C 57 16.94 -3.08 46.26
N LYS C 58 16.63 -1.81 46.10
CA LYS C 58 15.54 -1.43 45.21
C LYS C 58 16.01 -1.47 43.75
N ILE C 59 15.30 -2.24 42.93
CA ILE C 59 15.62 -2.41 41.52
C ILE C 59 14.54 -1.77 40.63
N GLN C 61 12.56 -1.09 37.31
CA GLN C 61 12.30 -1.83 36.12
C GLN C 61 12.83 -1.03 34.93
N TYR C 62 12.38 0.20 34.81
CA TYR C 62 12.81 1.03 33.72
C TYR C 62 13.95 1.94 34.20
N ASN C 63 14.96 2.13 33.36
CA ASN C 63 16.09 3.00 33.71
C ASN C 63 16.43 3.84 32.49
N PRO C 64 15.54 4.78 32.13
CA PRO C 64 15.76 5.64 30.97
C PRO C 64 16.77 6.73 31.36
N VAL C 66 19.67 9.88 30.44
CA VAL C 66 20.07 10.89 29.50
C VAL C 66 21.44 11.39 29.89
N ILE C 67 22.28 11.56 28.87
CA ILE C 67 23.62 12.12 29.05
C ILE C 67 23.40 13.59 28.74
N VAL C 68 23.68 14.45 29.71
CA VAL C 68 23.46 15.86 29.52
C VAL C 68 24.70 16.72 29.34
N ASP C 69 24.58 17.70 28.42
CA ASP C 69 25.66 18.67 28.12
C ASP C 69 25.57 19.76 29.20
N LYS C 70 26.53 19.74 30.12
CA LYS C 70 26.54 20.68 31.22
C LYS C 70 26.57 22.11 30.70
N ARG C 71 26.94 22.32 29.43
CA ARG C 71 27.05 23.68 28.92
C ARG C 71 25.73 24.30 28.65
N THR C 72 24.74 23.48 28.38
CA THR C 72 23.47 24.05 28.07
C THR C 72 22.33 23.30 28.73
N GLU C 73 22.68 22.28 29.51
CA GLU C 73 21.63 21.48 30.11
C GLU C 73 20.79 20.86 28.99
N THR C 74 21.46 20.39 27.93
CA THR C 74 20.78 19.74 26.83
C THR C 74 21.14 18.25 26.68
N VAL C 75 20.09 17.44 26.46
CA VAL C 75 20.21 16.02 26.28
C VAL C 75 21.10 15.77 25.07
N ALA C 76 22.19 15.02 25.23
CA ALA C 76 23.07 14.79 24.10
C ALA C 76 22.90 13.37 23.59
N ALA C 77 22.37 12.51 24.45
CA ALA C 77 22.14 11.11 24.12
C ALA C 77 21.17 10.55 25.15
N THR C 78 20.53 9.45 24.78
CA THR C 78 19.58 8.79 25.62
C THR C 78 19.59 7.28 25.37
N GLY C 79 19.27 6.53 26.40
CA GLY C 79 19.24 5.08 26.26
C GLY C 79 18.55 4.52 27.48
N ASN C 80 17.90 3.36 27.34
CA ASN C 80 17.14 2.74 28.45
C ASN C 80 17.59 1.30 28.72
N ILE C 81 17.49 0.88 29.97
CA ILE C 81 17.79 -0.51 30.20
C ILE C 81 16.67 -0.95 31.09
N ILE C 82 15.89 -1.91 30.60
CA ILE C 82 14.76 -2.46 31.32
C ILE C 82 15.20 -3.78 31.96
N ILE C 83 14.87 -3.93 33.23
CA ILE C 83 15.23 -5.10 33.99
C ILE C 83 13.97 -6.01 34.07
N GLU C 84 14.11 -7.25 33.62
CA GLU C 84 13.01 -8.19 33.66
C GLU C 84 13.39 -9.42 34.48
N ARG C 85 12.41 -9.94 35.22
CA ARG C 85 12.68 -11.16 35.98
C ARG C 85 12.20 -12.42 35.23
N LYS C 86 13.08 -13.40 35.10
CA LYS C 86 12.70 -14.64 34.42
C LYS C 86 12.53 -15.81 35.39
N ILE C 87 12.11 -16.95 34.87
CA ILE C 87 11.98 -18.10 35.74
C ILE C 87 13.35 -18.82 35.63
N ILE C 88 13.82 -18.97 34.40
CA ILE C 88 15.10 -19.61 34.18
C ILE C 88 16.21 -18.89 34.92
N HIS C 89 17.34 -19.56 35.03
CA HIS C 89 18.50 -19.05 35.70
C HIS C 89 18.19 -18.71 37.14
N GLU C 90 17.35 -19.54 37.74
CA GLU C 90 16.96 -19.40 39.13
C GLU C 90 16.36 -18.02 39.39
N LEU C 91 15.29 -17.73 38.66
CA LEU C 91 14.61 -16.44 38.76
C LEU C 91 15.64 -15.35 38.45
N GLY C 92 16.40 -15.55 37.39
CA GLY C 92 17.41 -14.57 37.05
C GLY C 92 16.87 -13.29 36.46
N LEU C 93 17.65 -12.23 36.60
CA LEU C 93 17.35 -10.93 36.04
C LEU C 93 18.06 -10.79 34.68
N CYS C 94 17.31 -10.45 33.66
CA CYS C 94 17.86 -10.26 32.33
C CYS C 94 17.65 -8.78 32.03
N GLY C 95 18.67 -8.12 31.48
CA GLY C 95 18.55 -6.70 31.16
C GLY C 95 18.32 -6.51 29.67
N HIS C 96 17.48 -5.54 29.33
CA HIS C 96 17.22 -5.23 27.94
C HIS C 96 17.59 -3.78 27.63
N ILE C 97 18.63 -3.58 26.82
CA ILE C 97 19.02 -2.24 26.47
C ILE C 97 18.21 -1.81 25.26
N GLU C 98 17.58 -0.65 25.37
CA GLU C 98 16.72 -0.17 24.27
C GLU C 98 16.76 1.31 24.02
N ASP C 99 16.33 1.66 22.82
CA ASP C 99 16.21 3.06 22.39
C ASP C 99 17.50 3.88 22.61
N ILE C 100 18.60 3.36 22.10
CA ILE C 100 19.86 4.03 22.20
C ILE C 100 19.90 5.04 21.07
N ALA C 101 20.15 6.29 21.41
CA ALA C 101 20.21 7.33 20.39
C ALA C 101 21.14 8.45 20.83
N VAL C 102 21.94 8.91 19.88
CA VAL C 102 22.87 10.01 20.11
C VAL C 102 22.35 11.21 19.31
N ASN C 103 22.19 12.35 19.96
CA ASN C 103 21.72 13.58 19.30
C ASN C 103 22.70 13.97 18.19
N SER C 104 22.15 14.36 17.05
CA SER C 104 22.95 14.75 15.90
C SER C 104 24.06 15.74 16.23
N LYS C 105 23.72 16.80 16.94
CA LYS C 105 24.72 17.79 17.26
C LYS C 105 25.86 17.20 18.08
N TYR C 106 25.72 15.94 18.52
CA TYR C 106 26.73 15.32 19.35
C TYR C 106 27.47 14.08 18.90
N GLN C 107 27.27 13.64 17.67
CA GLN C 107 27.93 12.44 17.16
C GLN C 107 29.46 12.50 16.94
N GLY C 108 30.08 11.34 16.86
CA GLY C 108 31.51 11.32 16.68
C GLY C 108 32.28 11.61 17.96
N GLN C 109 31.57 11.99 19.03
CA GLN C 109 32.22 12.29 20.31
C GLN C 109 32.28 11.12 21.30
N GLY C 110 31.88 9.93 20.87
CA GLY C 110 31.92 8.77 21.75
C GLY C 110 30.90 8.66 22.88
N LEU C 111 29.84 9.46 22.81
CA LEU C 111 28.83 9.41 23.82
C LEU C 111 28.07 8.06 23.80
N GLY C 112 27.82 7.53 22.61
CA GLY C 112 27.14 6.25 22.50
C GLY C 112 27.80 5.18 23.37
N LYS C 113 29.13 5.11 23.29
CA LYS C 113 29.92 4.18 24.09
C LYS C 113 29.83 4.48 25.61
N LEU C 114 29.93 5.74 26.01
CA LEU C 114 29.82 6.04 27.42
C LEU C 114 28.50 5.56 27.93
N LEU C 115 27.49 5.88 27.14
CA LEU C 115 26.13 5.51 27.46
C LEU C 115 25.93 3.99 27.62
N ILE C 116 26.38 3.22 26.63
CA ILE C 116 26.21 1.77 26.71
C ILE C 116 26.90 1.21 27.96
N ASP C 117 28.06 1.78 28.25
CA ASP C 117 28.86 1.40 29.40
C ASP C 117 28.09 1.64 30.71
N GLN C 118 27.38 2.78 30.79
CA GLN C 118 26.61 3.10 31.97
C GLN C 118 25.40 2.15 32.10
N LEU C 119 24.69 1.93 31.02
CA LEU C 119 23.55 1.03 31.07
C LEU C 119 24.01 -0.38 31.49
N VAL C 120 25.12 -0.85 30.93
CA VAL C 120 25.66 -2.17 31.29
C VAL C 120 25.98 -2.26 32.80
N THR C 121 26.58 -1.21 33.33
CA THR C 121 26.94 -1.13 34.74
C THR C 121 25.72 -1.21 35.66
N ILE C 122 24.69 -0.46 35.32
CA ILE C 122 23.47 -0.41 36.07
C ILE C 122 22.88 -1.84 36.01
N GLY C 123 22.75 -2.36 34.81
CA GLY C 123 22.20 -3.70 34.65
C GLY C 123 22.90 -4.71 35.55
N PHE C 124 24.22 -4.77 35.45
CA PHE C 124 24.96 -5.73 36.27
C PHE C 124 24.97 -5.48 37.77
N ASP C 125 24.92 -4.21 38.19
CA ASP C 125 24.91 -3.89 39.62
C ASP C 125 23.54 -4.29 40.19
N TYR C 126 22.52 -4.34 39.34
CA TYR C 126 21.22 -4.74 39.83
C TYR C 126 21.17 -6.27 40.00
N GLY C 127 22.11 -6.96 39.37
CA GLY C 127 22.17 -8.40 39.51
C GLY C 127 21.92 -9.23 38.26
N CYS C 128 21.81 -8.59 37.10
CA CYS C 128 21.55 -9.30 35.84
C CYS C 128 22.62 -10.34 35.52
N TYR C 129 22.22 -11.52 35.05
CA TYR C 129 23.22 -12.50 34.71
C TYR C 129 23.66 -12.23 33.26
N LYS C 130 22.87 -11.44 32.53
CA LYS C 130 23.21 -11.02 31.17
C LYS C 130 22.35 -9.82 30.76
N ILE C 131 22.79 -9.13 29.71
CA ILE C 131 22.07 -8.00 29.18
C ILE C 131 22.08 -8.20 27.70
N ILE C 132 20.95 -7.91 27.08
CA ILE C 132 20.88 -8.13 25.66
C ILE C 132 20.26 -6.94 24.97
N LEU C 133 20.46 -6.87 23.67
CA LEU C 133 19.89 -5.77 22.91
C LEU C 133 19.81 -6.15 21.44
N ASP C 134 18.95 -5.49 20.67
CA ASP C 134 18.87 -5.79 19.25
C ASP C 134 19.47 -4.62 18.50
N CYS C 135 20.22 -4.87 17.43
CA CYS C 135 20.81 -3.79 16.65
C CYS C 135 20.81 -4.18 15.19
N ASP C 136 20.98 -3.18 14.34
CA ASP C 136 21.05 -3.43 12.91
C ASP C 136 22.44 -4.00 12.62
N GLU C 137 22.53 -4.77 11.55
CA GLU C 137 23.77 -5.39 11.10
C GLU C 137 24.95 -4.39 11.02
N LYS C 138 24.64 -3.12 10.75
CA LYS C 138 25.68 -2.13 10.60
C LYS C 138 26.25 -1.63 11.92
N ASN C 139 25.53 -1.85 13.01
CA ASN C 139 26.01 -1.45 14.32
C ASN C 139 26.71 -2.56 15.11
N VAL C 140 26.88 -3.71 14.52
CA VAL C 140 27.49 -4.84 15.22
C VAL C 140 28.91 -4.61 15.71
N LYS C 141 29.80 -4.09 14.86
CA LYS C 141 31.19 -3.88 15.29
C LYS C 141 31.18 -2.92 16.41
N PHE C 142 30.29 -1.92 16.31
CA PHE C 142 30.22 -0.94 17.39
C PHE C 142 29.91 -1.67 18.68
N TYR C 143 28.94 -2.59 18.62
CA TYR C 143 28.58 -3.27 19.86
C TYR C 143 29.57 -4.27 20.36
N GLU C 144 30.33 -4.86 19.45
CA GLU C 144 31.36 -5.82 19.83
C GLU C 144 32.42 -5.02 20.54
N LYS C 145 32.69 -3.80 20.05
CA LYS C 145 33.67 -2.94 20.69
C LYS C 145 33.24 -2.58 22.11
N CYS C 146 31.96 -2.72 22.46
CA CYS C 146 31.49 -2.40 23.82
C CYS C 146 31.40 -3.64 24.71
N GLY C 147 31.84 -4.78 24.18
CA GLY C 147 31.83 -5.98 24.97
C GLY C 147 30.75 -6.98 24.64
N PHE C 148 29.92 -6.66 23.64
CA PHE C 148 28.81 -7.51 23.24
C PHE C 148 29.19 -8.55 22.18
N SER C 149 28.53 -9.69 22.19
CA SER C 149 28.82 -10.70 21.16
C SER C 149 27.49 -11.15 20.54
N ASN C 150 27.57 -11.63 19.32
CA ASN C 150 26.39 -12.08 18.60
C ASN C 150 25.70 -13.22 19.28
N ALA C 151 24.44 -13.03 19.64
CA ALA C 151 23.70 -14.04 20.37
C ALA C 151 22.51 -14.59 19.60
N GLY C 152 22.18 -14.03 18.45
CA GLY C 152 21.02 -14.56 17.77
C GLY C 152 20.47 -13.62 16.74
N VAL C 153 19.23 -13.85 16.36
CA VAL C 153 18.61 -13.06 15.36
C VAL C 153 17.34 -12.45 15.88
N GLU C 154 17.17 -11.15 15.65
CA GLU C 154 15.94 -10.51 16.10
C GLU C 154 14.86 -10.72 15.03
N GLN C 156 10.69 -10.02 13.87
CA GLN C 156 9.63 -9.12 14.22
C GLN C 156 8.37 -9.24 13.37
N ILE C 157 7.27 -8.76 13.92
CA ILE C 157 6.08 -8.78 13.14
C ILE C 157 5.39 -7.50 13.49
N ARG C 158 4.92 -6.80 12.45
CA ARG C 158 4.25 -5.51 12.58
C ARG C 158 2.74 -5.69 12.40
N GLY D 6 -7.31 -31.35 21.52
CA GLY D 6 -7.68 -31.42 22.98
C GLY D 6 -6.74 -30.68 23.94
N PHE D 7 -6.47 -29.42 23.65
CA PHE D 7 -5.58 -28.60 24.47
C PHE D 7 -6.27 -27.27 24.76
N TYR D 8 -5.71 -26.49 25.68
CA TYR D 8 -6.28 -25.19 25.96
C TYR D 8 -5.18 -24.29 26.49
N ILE D 9 -5.39 -22.98 26.36
CA ILE D 9 -4.41 -22.00 26.79
C ILE D 9 -4.91 -21.19 27.98
N ARG D 10 -4.02 -20.89 28.92
CA ARG D 10 -4.37 -20.12 30.11
C ARG D 10 -3.08 -19.45 30.65
N ARG D 11 -3.20 -18.49 31.57
CA ARG D 11 -2.02 -17.86 32.13
C ARG D 11 -1.43 -18.84 33.11
N GLU D 13 -0.02 -20.33 36.47
CA GLU D 13 -0.52 -20.20 37.85
C GLU D 13 0.45 -20.75 38.89
N GLU D 14 0.20 -20.37 40.13
CA GLU D 14 0.99 -20.81 41.24
C GLU D 14 1.27 -22.33 41.27
N GLY D 15 0.34 -23.18 40.86
CA GLY D 15 0.71 -24.59 40.87
C GLY D 15 1.61 -25.10 39.74
N ASP D 16 1.88 -24.29 38.72
CA ASP D 16 2.67 -24.74 37.58
C ASP D 16 4.19 -24.89 37.67
N LEU D 17 4.82 -24.44 38.74
CA LEU D 17 6.27 -24.53 38.77
C LEU D 17 6.95 -25.78 38.22
N GLU D 18 6.69 -26.94 38.82
CA GLU D 18 7.34 -28.18 38.39
C GLU D 18 7.20 -28.48 36.92
N GLN D 19 6.00 -28.34 36.38
CA GLN D 19 5.75 -28.61 34.97
C GLN D 19 6.39 -27.59 34.04
N VAL D 20 6.36 -26.33 34.46
CA VAL D 20 6.92 -25.28 33.66
C VAL D 20 8.43 -25.43 33.63
N THR D 21 9.04 -25.75 34.78
CA THR D 21 10.50 -25.90 34.77
C THR D 21 10.86 -27.09 33.89
N GLU D 22 10.05 -28.14 33.99
CA GLU D 22 10.31 -29.32 33.16
C GLU D 22 10.19 -28.96 31.67
N THR D 23 9.31 -28.04 31.33
CA THR D 23 9.16 -27.65 29.93
C THR D 23 10.30 -26.73 29.49
N LEU D 24 10.68 -25.80 30.37
CA LEU D 24 11.75 -24.88 30.06
C LEU D 24 13.14 -25.48 30.10
N LYS D 25 13.32 -26.68 30.64
CA LYS D 25 14.68 -27.18 30.67
C LYS D 25 15.12 -27.59 29.30
N VAL D 26 14.17 -27.57 28.36
CA VAL D 26 14.44 -27.87 26.94
C VAL D 26 15.19 -26.65 26.36
N LEU D 27 14.94 -25.50 26.99
CA LEU D 27 15.52 -24.20 26.63
C LEU D 27 16.85 -23.95 27.36
N THR D 28 16.83 -24.15 28.68
CA THR D 28 18.01 -23.94 29.54
C THR D 28 17.72 -24.31 31.01
N THR D 29 18.29 -23.55 31.96
CA THR D 29 18.13 -23.74 33.41
C THR D 29 16.80 -23.19 33.95
N THR D 34 12.93 -21.71 44.35
CA THR D 34 12.15 -21.83 45.59
C THR D 34 10.64 -21.50 45.45
N PRO D 35 9.76 -22.38 45.98
CA PRO D 35 8.28 -22.26 45.96
C PRO D 35 7.77 -20.88 46.31
N GLU D 36 8.25 -20.36 47.42
CA GLU D 36 7.83 -19.04 47.92
C GLU D 36 8.16 -17.95 46.93
N SER D 37 9.36 -18.00 46.37
CA SER D 37 9.78 -17.02 45.38
C SER D 37 8.93 -17.13 44.10
N PHE D 38 8.65 -18.35 43.66
CA PHE D 38 7.84 -18.51 42.47
C PHE D 38 6.45 -17.94 42.67
N CYS D 39 5.93 -18.21 43.85
CA CYS D 39 4.62 -17.73 44.25
C CYS D 39 4.63 -16.20 44.18
N LYS D 40 5.67 -15.61 44.76
CA LYS D 40 5.81 -14.16 44.79
C LYS D 40 5.97 -13.64 43.37
N LEU D 41 6.69 -14.39 42.55
CA LEU D 41 6.89 -14.01 41.16
C LEU D 41 5.58 -14.06 40.37
N ILE D 42 4.79 -15.12 40.57
CA ILE D 42 3.50 -15.26 39.89
C ILE D 42 2.59 -14.09 40.26
N LYS D 43 2.65 -13.69 41.52
CA LYS D 43 1.83 -12.58 42.02
C LYS D 43 2.15 -11.28 41.24
N TYR D 44 3.45 -10.98 41.18
CA TYR D 44 3.98 -9.81 40.49
C TYR D 44 3.45 -9.80 39.06
N TRP D 45 3.63 -10.89 38.31
CA TRP D 45 3.14 -10.98 36.94
C TRP D 45 1.63 -10.86 36.79
N ASN D 46 0.90 -10.99 37.89
CA ASN D 46 -0.55 -10.89 37.78
C ASN D 46 -1.05 -9.56 38.33
N GLU D 47 -0.10 -8.73 38.75
CA GLU D 47 -0.41 -7.41 39.31
C GLU D 47 0.07 -6.27 38.38
N ALA D 48 1.33 -6.33 37.96
CA ALA D 48 1.96 -5.32 37.11
C ALA D 48 1.21 -5.03 35.83
N THR D 49 0.67 -3.83 35.76
CA THR D 49 -0.08 -3.37 34.61
C THR D 49 0.74 -2.29 33.89
N VAL D 50 0.54 -2.16 32.58
CA VAL D 50 1.25 -1.14 31.83
C VAL D 50 0.36 0.08 31.76
N TRP D 51 0.93 1.23 32.06
CA TRP D 51 0.20 2.48 32.06
C TRP D 51 -0.46 2.78 30.72
N ASN D 52 -1.55 3.53 30.79
CA ASN D 52 -2.28 3.97 29.62
C ASN D 52 -3.49 4.72 30.12
N ASP D 53 -3.74 5.88 29.52
CA ASP D 53 -4.86 6.76 29.86
C ASP D 53 -6.23 6.10 29.81
N ASN D 54 -6.65 5.61 30.98
CA ASN D 54 -7.91 4.92 31.17
C ASN D 54 -8.11 4.81 32.67
N LYS D 58 -7.69 -2.89 30.45
CA LYS D 58 -6.38 -3.00 31.06
C LYS D 58 -5.41 -3.93 30.33
N ILE D 59 -4.12 -3.59 30.45
CA ILE D 59 -3.02 -4.28 29.78
C ILE D 59 -2.03 -4.87 30.76
N GLN D 61 1.42 -6.33 31.86
CA GLN D 61 2.78 -6.22 31.41
C GLN D 61 3.32 -7.59 31.04
N TYR D 62 3.27 -8.54 31.97
CA TYR D 62 3.73 -9.87 31.66
C TYR D 62 2.52 -10.76 31.30
N ASN D 63 2.71 -11.67 30.36
CA ASN D 63 1.64 -12.58 29.94
C ASN D 63 2.23 -13.97 29.72
N PRO D 64 2.66 -14.61 30.82
CA PRO D 64 3.25 -15.96 30.81
C PRO D 64 2.13 -16.99 30.53
N VAL D 66 0.53 -20.90 29.23
CA VAL D 66 0.85 -22.31 29.12
C VAL D 66 -0.22 -22.99 28.35
N ILE D 67 0.19 -23.83 27.42
CA ILE D 67 -0.78 -24.61 26.68
C ILE D 67 -0.90 -25.88 27.47
N VAL D 68 -2.12 -26.28 27.79
CA VAL D 68 -2.35 -27.46 28.59
C VAL D 68 -3.20 -28.54 27.91
N ASP D 69 -2.80 -29.80 28.03
CA ASP D 69 -3.59 -30.90 27.44
C ASP D 69 -4.81 -31.16 28.32
N LYS D 70 -6.02 -30.90 27.81
CA LYS D 70 -7.24 -31.13 28.59
C LYS D 70 -7.26 -32.52 29.25
N ARG D 71 -6.73 -33.53 28.53
CA ARG D 71 -6.74 -34.91 29.03
C ARG D 71 -6.03 -35.20 30.35
N THR D 72 -5.00 -34.44 30.67
CA THR D 72 -4.27 -34.72 31.89
C THR D 72 -3.69 -33.53 32.64
N GLU D 73 -4.27 -32.36 32.42
CA GLU D 73 -3.83 -31.13 33.06
C GLU D 73 -2.32 -31.01 33.18
N THR D 74 -1.66 -31.19 32.04
CA THR D 74 -0.20 -31.17 31.96
C THR D 74 0.27 -30.09 30.98
N VAL D 75 1.18 -29.23 31.42
CA VAL D 75 1.75 -28.18 30.59
C VAL D 75 2.47 -28.80 29.38
N ALA D 76 1.95 -28.55 28.17
CA ALA D 76 2.56 -29.09 26.94
C ALA D 76 3.53 -28.11 26.27
N ALA D 77 3.32 -26.82 26.52
CA ALA D 77 4.13 -25.73 25.98
C ALA D 77 3.92 -24.47 26.83
N THR D 78 4.93 -23.59 26.83
CA THR D 78 4.88 -22.32 27.55
C THR D 78 5.60 -21.19 26.78
N GLY D 79 5.09 -19.97 26.94
CA GLY D 79 5.64 -18.85 26.24
C GLY D 79 5.09 -17.59 26.88
N ASN D 80 5.92 -16.56 26.90
CA ASN D 80 5.54 -15.31 27.53
C ASN D 80 5.66 -14.13 26.56
N ILE D 81 4.74 -13.18 26.69
CA ILE D 81 4.84 -12.00 25.87
C ILE D 81 4.74 -10.80 26.77
N ILE D 82 5.87 -10.11 26.92
CA ILE D 82 5.99 -8.93 27.73
C ILE D 82 5.60 -7.72 26.90
N ILE D 83 4.75 -6.89 27.47
CA ILE D 83 4.30 -5.69 26.80
C ILE D 83 5.13 -4.53 27.39
N GLU D 84 5.70 -3.68 26.56
CA GLU D 84 6.45 -2.55 27.11
C GLU D 84 6.05 -1.27 26.40
N ARG D 85 6.07 -0.16 27.15
CA ARG D 85 5.75 1.13 26.56
C ARG D 85 6.95 1.97 26.20
N LYS D 86 7.01 2.44 24.99
CA LYS D 86 8.14 3.24 24.55
C LYS D 86 7.76 4.68 24.39
N ILE D 87 8.73 5.51 24.05
CA ILE D 87 8.43 6.90 23.81
C ILE D 87 8.15 7.01 22.32
N ILE D 88 9.00 6.38 21.51
CA ILE D 88 8.79 6.44 20.06
C ILE D 88 7.42 5.91 19.64
N HIS D 89 7.11 6.13 18.39
CA HIS D 89 5.84 5.68 17.86
C HIS D 89 4.66 6.20 18.67
N GLU D 90 4.77 7.42 19.17
CA GLU D 90 3.67 8.06 19.91
C GLU D 90 3.37 7.32 21.20
N LEU D 91 4.41 7.08 22.01
CA LEU D 91 4.25 6.32 23.22
C LEU D 91 3.64 4.95 22.82
N GLY D 92 4.20 4.34 21.78
CA GLY D 92 3.71 3.05 21.32
C GLY D 92 4.06 1.84 22.20
N LEU D 93 3.28 0.76 22.04
CA LEU D 93 3.54 -0.45 22.79
C LEU D 93 4.28 -1.42 21.90
N CYS D 94 5.33 -2.02 22.42
CA CYS D 94 6.08 -3.00 21.67
C CYS D 94 5.98 -4.27 22.47
N GLY D 95 5.75 -5.39 21.81
CA GLY D 95 5.63 -6.64 22.53
C GLY D 95 6.90 -7.48 22.40
N HIS D 96 7.29 -8.19 23.46
CA HIS D 96 8.48 -9.04 23.43
C HIS D 96 8.12 -10.48 23.78
N ILE D 97 8.31 -11.38 22.82
CA ILE D 97 8.00 -12.77 23.05
C ILE D 97 9.27 -13.43 23.56
N GLU D 98 9.19 -13.90 24.81
CA GLU D 98 10.29 -14.55 25.51
C GLU D 98 9.96 -15.96 25.98
N ASP D 99 11.00 -16.72 26.27
CA ASP D 99 10.89 -18.03 26.87
C ASP D 99 9.95 -19.04 26.25
N ILE D 100 10.08 -19.23 24.94
CA ILE D 100 9.27 -20.16 24.17
C ILE D 100 9.83 -21.58 24.33
N ALA D 101 8.99 -22.50 24.82
CA ALA D 101 9.45 -23.90 24.99
C ALA D 101 8.31 -24.91 24.85
N VAL D 102 8.58 -25.96 24.09
CA VAL D 102 7.62 -27.03 23.87
C VAL D 102 8.15 -28.24 24.63
N ASN D 103 7.30 -28.81 25.49
CA ASN D 103 7.66 -30.00 26.27
C ASN D 103 8.09 -31.14 25.35
N SER D 104 9.20 -31.80 25.70
CA SER D 104 9.73 -32.92 24.94
C SER D 104 8.64 -33.93 24.55
N LYS D 105 7.81 -34.28 25.50
CA LYS D 105 6.75 -35.23 25.25
C LYS D 105 5.72 -34.73 24.23
N TYR D 106 5.78 -33.45 23.85
CA TYR D 106 4.82 -32.94 22.87
C TYR D 106 5.31 -32.34 21.56
N GLN D 107 6.62 -32.41 21.30
CA GLN D 107 7.13 -31.87 20.04
C GLN D 107 6.63 -32.52 18.79
N GLY D 108 6.68 -31.77 17.70
CA GLY D 108 6.21 -32.24 16.41
C GLY D 108 4.71 -32.10 16.21
N GLN D 109 4.02 -31.77 17.30
CA GLN D 109 2.58 -31.63 17.24
C GLN D 109 2.07 -30.26 16.90
N GLY D 110 2.97 -29.33 16.56
CA GLY D 110 2.51 -28.02 16.15
C GLY D 110 2.11 -27.04 17.22
N LEU D 111 2.38 -27.39 18.47
CA LEU D 111 2.03 -26.54 19.56
C LEU D 111 2.86 -25.23 19.53
N GLY D 112 4.14 -25.32 19.20
CA GLY D 112 4.98 -24.12 19.14
C GLY D 112 4.34 -23.01 18.33
N LYS D 113 3.84 -23.39 17.16
CA LYS D 113 3.19 -22.51 16.21
C LYS D 113 1.85 -21.91 16.69
N LEU D 114 1.00 -22.71 17.32
CA LEU D 114 -0.25 -22.15 17.80
C LEU D 114 0.05 -21.24 18.98
N LEU D 115 1.06 -21.58 19.77
CA LEU D 115 1.43 -20.77 20.91
C LEU D 115 1.90 -19.37 20.43
N ILE D 116 2.79 -19.33 19.43
CA ILE D 116 3.27 -18.06 18.91
C ILE D 116 2.07 -17.31 18.36
N ASP D 117 1.16 -17.99 17.67
CA ASP D 117 0.00 -17.29 17.14
C ASP D 117 -0.82 -16.69 18.26
N GLN D 118 -0.94 -17.41 19.38
CA GLN D 118 -1.68 -16.92 20.53
C GLN D 118 -1.01 -15.69 21.15
N LEU D 119 0.29 -15.76 21.40
CA LEU D 119 1.02 -14.64 21.95
C LEU D 119 0.92 -13.41 21.03
N VAL D 120 1.02 -13.64 19.73
CA VAL D 120 0.92 -12.51 18.82
C VAL D 120 -0.46 -11.81 18.93
N THR D 121 -1.53 -12.59 18.91
CA THR D 121 -2.87 -12.02 18.99
C THR D 121 -3.04 -11.25 20.31
N ILE D 122 -2.43 -11.74 21.37
CA ILE D 122 -2.52 -11.05 22.62
C ILE D 122 -1.76 -9.69 22.50
N GLY D 123 -0.52 -9.72 21.97
CA GLY D 123 0.24 -8.50 21.79
C GLY D 123 -0.55 -7.45 21.00
N PHE D 124 -1.02 -7.81 19.80
CA PHE D 124 -1.77 -6.85 19.01
C PHE D 124 -3.15 -6.44 19.57
N ASP D 125 -3.83 -7.31 20.31
CA ASP D 125 -5.12 -6.87 20.85
C ASP D 125 -4.85 -5.84 21.92
N TYR D 126 -3.69 -5.91 22.53
CA TYR D 126 -3.36 -4.94 23.54
C TYR D 126 -3.08 -3.58 22.84
N GLY D 127 -2.69 -3.64 21.57
CA GLY D 127 -2.40 -2.44 20.82
C GLY D 127 -0.97 -2.29 20.31
N CYS D 128 -0.12 -3.29 20.54
CA CYS D 128 1.26 -3.22 20.05
C CYS D 128 1.33 -2.83 18.58
N TYR D 129 2.36 -2.08 18.21
CA TYR D 129 2.49 -1.69 16.81
C TYR D 129 3.41 -2.71 16.12
N LYS D 130 4.13 -3.46 16.96
CA LYS D 130 5.02 -4.52 16.49
C LYS D 130 5.30 -5.40 17.68
N ILE D 131 5.85 -6.58 17.40
CA ILE D 131 6.19 -7.54 18.43
C ILE D 131 7.50 -8.16 17.96
N ILE D 132 8.42 -8.35 18.89
CA ILE D 132 9.70 -8.88 18.47
C ILE D 132 10.11 -10.01 19.39
N LEU D 133 11.11 -10.74 18.94
CA LEU D 133 11.63 -11.84 19.73
C LEU D 133 12.96 -12.22 19.11
N ASP D 134 13.83 -12.83 19.91
CA ASP D 134 15.14 -13.26 19.43
C ASP D 134 15.12 -14.75 19.33
N CYS D 135 15.83 -15.29 18.35
CA CYS D 135 15.86 -16.73 18.20
C CYS D 135 17.17 -17.06 17.62
N ASP D 136 17.57 -18.32 17.69
CA ASP D 136 18.83 -18.61 17.09
C ASP D 136 18.61 -18.92 15.61
N GLU D 137 19.71 -18.87 14.85
CA GLU D 137 19.68 -19.10 13.43
C GLU D 137 18.91 -20.31 12.99
N LYS D 138 18.91 -21.34 13.82
CA LYS D 138 18.23 -22.61 13.51
C LYS D 138 16.71 -22.48 13.45
N ASN D 139 16.15 -21.57 14.25
CA ASN D 139 14.71 -21.39 14.31
C ASN D 139 14.09 -20.32 13.40
N VAL D 140 14.92 -19.71 12.56
CA VAL D 140 14.46 -18.65 11.68
C VAL D 140 13.35 -19.10 10.71
N LYS D 141 13.54 -20.16 9.92
CA LYS D 141 12.44 -20.58 8.98
C LYS D 141 11.18 -20.72 9.80
N PHE D 142 11.30 -21.40 10.94
CA PHE D 142 10.16 -21.61 11.81
C PHE D 142 9.45 -20.29 12.15
N TYR D 143 10.19 -19.26 12.59
CA TYR D 143 9.50 -18.01 12.92
C TYR D 143 8.96 -17.28 11.70
N GLU D 144 9.62 -17.43 10.55
CA GLU D 144 9.13 -16.85 9.30
C GLU D 144 7.78 -17.53 8.93
N LYS D 145 7.67 -18.83 9.17
CA LYS D 145 6.40 -19.51 8.87
C LYS D 145 5.28 -19.01 9.81
N CYS D 146 5.65 -18.36 10.93
CA CYS D 146 4.66 -17.81 11.86
C CYS D 146 4.33 -16.35 11.55
N GLY D 147 4.94 -15.81 10.50
CA GLY D 147 4.66 -14.43 10.15
C GLY D 147 5.73 -13.42 10.46
N PHE D 148 6.86 -13.86 10.98
CA PHE D 148 7.94 -12.97 11.33
C PHE D 148 8.99 -12.78 10.22
N SER D 149 9.62 -11.63 10.21
CA SER D 149 10.68 -11.34 9.26
C SER D 149 12.00 -11.04 10.04
N ASN D 150 13.12 -11.27 9.38
CA ASN D 150 14.46 -11.05 9.94
C ASN D 150 14.70 -9.54 10.06
N ALA D 151 14.66 -8.98 11.26
CA ALA D 151 14.84 -7.53 11.43
C ALA D 151 16.09 -7.09 12.23
N GLY D 152 17.06 -7.97 12.42
CA GLY D 152 18.19 -7.53 13.18
C GLY D 152 19.02 -8.61 13.81
N VAL D 153 19.95 -8.19 14.65
CA VAL D 153 20.88 -9.07 15.28
C VAL D 153 20.77 -8.94 16.80
N GLU D 154 20.69 -10.08 17.48
CA GLU D 154 20.63 -10.05 18.91
C GLU D 154 22.05 -10.03 19.44
N GLN D 156 24.59 -9.82 23.03
CA GLN D 156 24.53 -10.00 24.47
C GLN D 156 25.88 -9.81 25.14
N ILE D 157 25.81 -9.68 26.46
CA ILE D 157 27.00 -9.57 27.24
C ILE D 157 26.56 -10.22 28.52
N ARG D 158 27.44 -11.09 29.00
CA ARG D 158 27.18 -11.87 30.19
C ARG D 158 27.98 -11.39 31.33
N LYS D 159 27.42 -11.60 32.53
CA LYS D 159 28.03 -11.22 33.79
C LYS D 159 29.36 -11.94 34.01
N GLY E 6 -21.63 19.62 -45.01
CA GLY E 6 -20.42 19.91 -44.16
C GLY E 6 -20.06 18.89 -43.07
N PHE E 7 -21.06 18.28 -42.44
CA PHE E 7 -20.84 17.31 -41.36
C PHE E 7 -21.09 15.81 -41.69
N TYR E 8 -20.16 14.96 -41.23
CA TYR E 8 -20.23 13.50 -41.38
C TYR E 8 -20.25 12.95 -39.94
N ILE E 9 -20.64 11.67 -39.77
CA ILE E 9 -20.68 11.02 -38.44
C ILE E 9 -19.72 9.82 -38.39
N ARG E 10 -18.84 9.79 -37.40
CA ARG E 10 -17.90 8.69 -37.27
C ARG E 10 -17.84 8.34 -35.79
N ARG E 11 -17.07 7.32 -35.45
CA ARG E 11 -16.96 6.91 -34.07
C ARG E 11 -15.88 7.77 -33.40
N GLU E 13 -12.67 9.08 -31.34
CA GLU E 13 -11.30 8.55 -31.32
C GLU E 13 -10.42 9.25 -30.30
N GLU E 14 -9.29 8.63 -29.98
CA GLU E 14 -8.35 9.15 -29.01
C GLU E 14 -8.00 10.64 -29.09
N GLY E 15 -7.99 11.18 -30.29
CA GLY E 15 -7.63 12.58 -30.45
C GLY E 15 -8.79 13.53 -30.28
N ASP E 16 -9.99 13.00 -30.15
CA ASP E 16 -11.15 13.87 -29.98
C ASP E 16 -11.27 14.49 -28.56
N LEU E 17 -10.32 14.16 -27.70
CA LEU E 17 -10.30 14.64 -26.32
C LEU E 17 -10.72 16.08 -26.14
N GLU E 18 -9.90 17.01 -26.59
CA GLU E 18 -10.23 18.44 -26.47
C GLU E 18 -11.54 18.85 -27.14
N GLN E 19 -11.73 18.47 -28.40
CA GLN E 19 -12.94 18.86 -29.08
C GLN E 19 -14.21 18.32 -28.42
N VAL E 20 -14.16 17.11 -27.87
CA VAL E 20 -15.37 16.57 -27.25
C VAL E 20 -15.62 17.18 -25.89
N THR E 21 -14.54 17.49 -25.16
CA THR E 21 -14.66 18.10 -23.83
C THR E 21 -15.37 19.42 -23.94
N GLU E 22 -15.01 20.22 -24.93
CA GLU E 22 -15.67 21.51 -25.09
C GLU E 22 -17.15 21.34 -25.44
N THR E 23 -17.45 20.24 -26.12
CA THR E 23 -18.81 19.96 -26.55
C THR E 23 -19.71 19.49 -25.40
N LEU E 24 -19.13 18.64 -24.57
CA LEU E 24 -19.86 18.11 -23.43
C LEU E 24 -20.03 19.17 -22.33
N LYS E 25 -19.08 20.10 -22.21
CA LYS E 25 -19.14 21.15 -21.22
C LYS E 25 -20.53 21.79 -21.26
N VAL E 26 -21.23 21.70 -22.38
CA VAL E 26 -22.56 22.28 -22.43
C VAL E 26 -23.57 21.48 -21.62
N LEU E 27 -23.41 20.16 -21.56
CA LEU E 27 -24.36 19.35 -20.81
C LEU E 27 -24.08 19.36 -19.33
N THR E 28 -22.89 18.93 -18.92
CA THR E 28 -22.51 18.98 -17.50
C THR E 28 -21.01 19.05 -17.32
N THR E 29 -20.56 19.00 -16.07
CA THR E 29 -19.15 19.04 -15.77
C THR E 29 -18.41 17.90 -16.49
N VAL E 30 -17.34 18.23 -17.22
CA VAL E 30 -16.52 17.22 -17.88
C VAL E 30 -15.32 17.15 -16.96
N GLY E 31 -14.70 18.29 -16.73
CA GLY E 31 -13.57 18.31 -15.80
C GLY E 31 -12.20 18.16 -16.41
N THR E 32 -11.27 17.85 -15.53
CA THR E 32 -9.89 17.69 -15.91
C THR E 32 -9.55 16.24 -16.22
N ILE E 33 -9.46 15.95 -17.52
CA ILE E 33 -9.13 14.62 -18.01
C ILE E 33 -7.85 14.60 -18.84
N THR E 34 -6.91 13.81 -18.35
CA THR E 34 -5.60 13.61 -18.93
C THR E 34 -5.66 12.81 -20.25
N PRO E 35 -4.79 13.13 -21.22
CA PRO E 35 -4.75 12.42 -22.50
C PRO E 35 -4.42 10.93 -22.32
N GLU E 36 -3.52 10.66 -21.38
CA GLU E 36 -3.11 9.29 -21.04
C GLU E 36 -4.41 8.55 -20.63
N SER E 37 -5.14 9.12 -19.68
CA SER E 37 -6.38 8.56 -19.18
C SER E 37 -7.42 8.40 -20.28
N PHE E 38 -7.64 9.44 -21.08
CA PHE E 38 -8.61 9.40 -22.15
C PHE E 38 -8.33 8.31 -23.21
N CYS E 39 -7.07 8.04 -23.49
CA CYS E 39 -6.78 7.01 -24.48
C CYS E 39 -7.11 5.65 -23.89
N LYS E 40 -6.94 5.49 -22.58
CA LYS E 40 -7.31 4.23 -21.96
C LYS E 40 -8.82 4.03 -22.11
N LEU E 41 -9.57 5.09 -21.85
CA LEU E 41 -11.03 5.11 -21.96
C LEU E 41 -11.52 4.70 -23.34
N ILE E 42 -10.87 5.25 -24.35
CA ILE E 42 -11.20 4.96 -25.75
C ILE E 42 -10.85 3.51 -26.10
N LYS E 43 -9.79 3.00 -25.51
CA LYS E 43 -9.37 1.61 -25.72
C LYS E 43 -10.52 0.73 -25.18
N TYR E 44 -10.94 0.97 -23.93
CA TYR E 44 -12.03 0.23 -23.30
C TYR E 44 -13.25 0.31 -24.16
N TRP E 45 -13.64 1.51 -24.57
CA TRP E 45 -14.83 1.65 -25.41
C TRP E 45 -14.70 0.93 -26.74
N ASN E 46 -13.46 0.66 -27.13
CA ASN E 46 -13.20 -0.02 -28.40
C ASN E 46 -13.04 -1.54 -28.24
N GLU E 47 -12.91 -1.99 -26.99
CA GLU E 47 -12.70 -3.38 -26.68
C GLU E 47 -13.96 -4.11 -26.15
N ALA E 48 -14.76 -3.42 -25.33
CA ALA E 48 -15.97 -3.96 -24.71
C ALA E 48 -16.96 -4.41 -25.76
N THR E 49 -17.30 -5.68 -25.67
CA THR E 49 -18.15 -6.31 -26.64
C THR E 49 -19.32 -6.95 -25.91
N VAL E 50 -20.49 -7.00 -26.54
CA VAL E 50 -21.68 -7.62 -25.95
C VAL E 50 -21.84 -9.05 -26.47
N TRP E 51 -21.80 -10.02 -25.59
CA TRP E 51 -21.94 -11.41 -25.98
C TRP E 51 -23.20 -11.69 -26.73
N ASN E 52 -23.12 -12.52 -27.74
CA ASN E 52 -24.36 -12.86 -28.41
C ASN E 52 -24.26 -14.27 -28.99
N ASP E 53 -25.43 -14.85 -29.21
CA ASP E 53 -25.60 -16.19 -29.73
C ASP E 53 -25.33 -16.30 -31.21
N ASN E 54 -25.52 -15.24 -32.00
CA ASN E 54 -25.29 -15.33 -33.45
C ASN E 54 -23.94 -15.89 -33.88
N GLU E 55 -23.91 -16.47 -35.08
CA GLU E 55 -22.67 -17.04 -35.58
C GLU E 55 -21.56 -16.01 -35.73
N ASP E 56 -21.89 -14.84 -36.26
CA ASP E 56 -20.88 -13.83 -36.52
C ASP E 56 -21.38 -12.41 -36.54
N LYS E 57 -21.65 -11.85 -35.38
CA LYS E 57 -22.13 -10.48 -35.30
C LYS E 57 -21.35 -9.79 -34.19
N LYS E 58 -20.74 -8.64 -34.46
CA LYS E 58 -20.05 -7.95 -33.40
C LYS E 58 -20.98 -6.85 -32.90
N ILE E 59 -21.11 -6.76 -31.57
CA ILE E 59 -21.95 -5.77 -30.93
C ILE E 59 -21.13 -5.03 -29.91
N GLN E 61 -20.54 -2.55 -26.88
CA GLN E 61 -21.35 -2.11 -25.76
C GLN E 61 -21.41 -0.58 -25.83
N TYR E 62 -20.28 0.05 -26.12
CA TYR E 62 -20.21 1.51 -26.25
C TYR E 62 -20.19 1.97 -27.72
N ASN E 63 -20.99 2.97 -28.06
CA ASN E 63 -21.02 3.47 -29.41
C ASN E 63 -20.92 5.01 -29.42
N PRO E 64 -19.76 5.53 -28.98
CA PRO E 64 -19.59 6.98 -28.94
C PRO E 64 -19.47 7.61 -30.34
N VAL E 66 -19.87 11.06 -33.05
CA VAL E 66 -19.56 12.49 -33.15
C VAL E 66 -19.87 12.94 -34.57
N ILE E 67 -20.68 13.97 -34.70
CA ILE E 67 -20.99 14.51 -36.00
C ILE E 67 -19.90 15.56 -36.14
N VAL E 68 -19.11 15.46 -37.21
CA VAL E 68 -17.97 16.35 -37.40
C VAL E 68 -18.01 17.49 -38.44
N ASP E 69 -17.23 18.50 -38.01
CA ASP E 69 -16.83 19.83 -38.53
C ASP E 69 -17.75 21.00 -38.90
N LYS E 70 -17.28 21.81 -39.84
CA LYS E 70 -17.93 22.99 -40.41
C LYS E 70 -17.05 23.10 -41.66
N ARG E 71 -16.36 21.98 -41.84
CA ARG E 71 -15.42 21.73 -42.89
C ARG E 71 -14.07 22.28 -42.48
N THR E 72 -13.72 21.89 -41.25
CA THR E 72 -12.47 22.24 -40.58
C THR E 72 -12.28 21.15 -39.50
N GLU E 73 -13.03 20.06 -39.67
CA GLU E 73 -12.99 18.89 -38.78
C GLU E 73 -13.23 19.20 -37.30
N THR E 74 -14.23 20.02 -36.97
CA THR E 74 -14.46 20.26 -35.55
C THR E 74 -15.76 19.59 -35.09
N VAL E 75 -15.71 18.99 -33.91
CA VAL E 75 -16.84 18.30 -33.33
C VAL E 75 -18.03 19.23 -33.17
N ALA E 76 -19.14 18.89 -33.83
CA ALA E 76 -20.36 19.68 -33.79
C ALA E 76 -21.42 19.10 -32.81
N ALA E 77 -21.39 17.79 -32.62
CA ALA E 77 -22.32 17.09 -31.74
C ALA E 77 -21.68 15.76 -31.32
N THR E 78 -22.06 15.26 -30.14
CA THR E 78 -21.54 13.98 -29.65
C THR E 78 -22.65 13.28 -28.90
N GLY E 79 -22.72 11.97 -29.07
CA GLY E 79 -23.77 11.20 -28.42
C GLY E 79 -23.34 9.74 -28.33
N ASN E 80 -24.02 8.99 -27.46
CA ASN E 80 -23.67 7.62 -27.26
C ASN E 80 -24.87 6.74 -27.01
N ILE E 81 -24.75 5.48 -27.39
CA ILE E 81 -25.84 4.53 -27.11
C ILE E 81 -25.12 3.31 -26.58
N ILE E 82 -25.48 2.93 -25.35
CA ILE E 82 -24.91 1.80 -24.64
C ILE E 82 -25.82 0.56 -24.83
N ILE E 83 -25.23 -0.57 -25.19
CA ILE E 83 -26.03 -1.79 -25.39
C ILE E 83 -25.95 -2.73 -24.19
N GLU E 84 -27.09 -3.24 -23.75
CA GLU E 84 -27.16 -4.13 -22.60
C GLU E 84 -27.94 -5.39 -22.89
N ARG E 85 -27.48 -6.51 -22.36
CA ARG E 85 -28.14 -7.81 -22.51
C ARG E 85 -28.88 -8.09 -21.24
N LYS E 86 -30.17 -8.38 -21.35
CA LYS E 86 -31.01 -8.68 -20.20
C LYS E 86 -31.35 -10.13 -20.29
N ILE E 87 -32.16 -10.59 -19.33
CA ILE E 87 -32.63 -11.97 -19.33
C ILE E 87 -34.03 -11.96 -19.96
N ILE E 88 -34.82 -10.95 -19.62
CA ILE E 88 -36.16 -10.82 -20.15
C ILE E 88 -36.12 -10.64 -21.67
N HIS E 89 -37.30 -10.81 -22.29
CA HIS E 89 -37.54 -10.73 -23.74
C HIS E 89 -36.53 -11.63 -24.45
N GLU E 90 -36.49 -12.88 -24.02
CA GLU E 90 -35.60 -13.89 -24.55
C GLU E 90 -34.15 -13.48 -24.60
N LEU E 91 -33.58 -13.08 -23.46
CA LEU E 91 -32.20 -12.64 -23.42
C LEU E 91 -32.08 -11.50 -24.41
N GLY E 92 -32.93 -10.48 -24.25
CA GLY E 92 -32.93 -9.42 -25.23
C GLY E 92 -31.94 -8.34 -25.05
N LEU E 93 -31.78 -7.56 -26.10
CA LEU E 93 -30.88 -6.42 -26.10
C LEU E 93 -31.75 -5.18 -25.95
N CYS E 94 -31.25 -4.27 -25.12
CA CYS E 94 -31.91 -3.02 -24.87
C CYS E 94 -30.84 -1.91 -25.04
N GLY E 95 -31.15 -0.84 -25.76
CA GLY E 95 -30.16 0.19 -25.95
C GLY E 95 -30.36 1.39 -25.07
N HIS E 96 -29.29 2.12 -24.77
CA HIS E 96 -29.39 3.26 -23.90
C HIS E 96 -28.70 4.49 -24.48
N ILE E 97 -29.49 5.44 -24.98
CA ILE E 97 -28.88 6.66 -25.53
C ILE E 97 -28.44 7.60 -24.41
N GLU E 98 -27.21 8.05 -24.47
CA GLU E 98 -26.77 8.92 -23.40
C GLU E 98 -25.80 10.00 -23.85
N ASP E 99 -25.59 10.95 -22.94
CA ASP E 99 -24.69 12.04 -23.16
C ASP E 99 -24.81 12.71 -24.51
N ILE E 100 -25.99 13.19 -24.82
CA ILE E 100 -26.20 13.94 -26.05
C ILE E 100 -25.74 15.40 -25.80
N ALA E 101 -24.98 15.99 -26.72
CA ALA E 101 -24.53 17.35 -26.54
C ALA E 101 -24.10 18.04 -27.86
N VAL E 102 -24.82 19.10 -28.25
CA VAL E 102 -24.50 19.83 -29.48
C VAL E 102 -23.57 20.99 -29.12
N ASN E 103 -22.43 21.09 -29.82
CA ASN E 103 -21.43 22.16 -29.57
C ASN E 103 -21.97 23.54 -29.96
N GLN E 107 -26.19 26.71 -31.67
CA GLN E 107 -26.17 25.89 -32.86
C GLN E 107 -27.58 25.53 -33.41
N GLY E 108 -28.58 25.43 -32.52
CA GLY E 108 -29.97 25.15 -32.87
C GLY E 108 -30.35 24.97 -34.33
N GLN E 109 -29.53 24.27 -35.08
CA GLN E 109 -29.93 24.05 -36.44
C GLN E 109 -29.36 22.84 -37.11
N GLY E 110 -30.28 21.93 -37.34
CA GLY E 110 -29.90 20.71 -37.98
C GLY E 110 -29.93 19.68 -36.90
N LEU E 111 -28.90 18.87 -36.74
CA LEU E 111 -29.33 17.95 -35.78
C LEU E 111 -28.78 17.24 -34.60
N GLY E 112 -29.53 17.52 -33.54
CA GLY E 112 -29.38 16.84 -32.30
C GLY E 112 -30.32 15.73 -32.75
N LYS E 113 -31.35 16.10 -33.54
CA LYS E 113 -32.34 15.15 -34.06
C LYS E 113 -31.69 14.13 -34.98
N LEU E 114 -30.65 14.52 -35.69
CA LEU E 114 -29.97 13.60 -36.59
C LEU E 114 -29.01 12.69 -35.84
N LEU E 115 -28.42 13.20 -34.76
CA LEU E 115 -27.50 12.41 -33.98
C LEU E 115 -28.31 11.37 -33.33
N ILE E 116 -29.51 11.72 -32.88
CA ILE E 116 -30.32 10.73 -32.21
C ILE E 116 -30.86 9.67 -33.13
N ASP E 117 -31.21 10.03 -34.36
CA ASP E 117 -31.79 9.02 -35.27
C ASP E 117 -30.75 8.01 -35.78
N GLN E 118 -29.48 8.40 -35.73
CA GLN E 118 -28.38 7.53 -36.15
C GLN E 118 -28.16 6.51 -35.02
N LEU E 119 -27.93 7.04 -33.81
CA LEU E 119 -27.75 6.20 -32.63
C LEU E 119 -28.88 5.20 -32.58
N VAL E 120 -30.09 5.64 -32.86
CA VAL E 120 -31.25 4.73 -32.88
C VAL E 120 -30.95 3.58 -33.84
N THR E 121 -30.47 3.92 -35.04
CA THR E 121 -30.19 2.94 -36.11
C THR E 121 -29.27 1.84 -35.65
N ILE E 122 -28.10 2.26 -35.20
CA ILE E 122 -27.11 1.37 -34.67
C ILE E 122 -27.77 0.38 -33.68
N GLY E 123 -28.56 0.88 -32.75
CA GLY E 123 -29.16 -0.02 -31.77
C GLY E 123 -30.14 -1.03 -32.34
N PHE E 124 -31.00 -0.60 -33.24
CA PHE E 124 -31.97 -1.50 -33.82
C PHE E 124 -31.30 -2.48 -34.79
N ASP E 125 -30.20 -2.06 -35.38
CA ASP E 125 -29.46 -2.94 -36.28
C ASP E 125 -28.81 -4.05 -35.45
N TYR E 126 -28.33 -3.70 -34.24
CA TYR E 126 -27.72 -4.70 -33.36
C TYR E 126 -28.73 -5.72 -32.93
N GLY E 127 -30.00 -5.33 -32.85
CA GLY E 127 -30.99 -6.30 -32.44
C GLY E 127 -31.78 -5.87 -31.22
N CYS E 128 -31.62 -4.63 -30.77
CA CYS E 128 -32.35 -4.13 -29.62
C CYS E 128 -33.84 -4.14 -29.88
N TYR E 129 -34.59 -4.69 -28.93
CA TYR E 129 -36.02 -4.74 -29.05
C TYR E 129 -36.56 -3.42 -28.53
N LYS E 130 -35.69 -2.66 -27.83
CA LYS E 130 -36.12 -1.39 -27.26
C LYS E 130 -34.92 -0.49 -27.00
N ILE E 131 -35.13 0.81 -27.10
CA ILE E 131 -34.06 1.75 -26.81
C ILE E 131 -34.61 2.81 -25.86
N ILE E 132 -33.86 3.18 -24.84
CA ILE E 132 -34.39 4.20 -23.96
C ILE E 132 -33.41 5.31 -23.69
N LEU E 133 -33.93 6.41 -23.16
CA LEU E 133 -33.14 7.58 -22.82
C LEU E 133 -33.93 8.44 -21.85
N ASP E 134 -33.22 9.18 -21.03
CA ASP E 134 -33.83 10.04 -20.05
C ASP E 134 -33.58 11.49 -20.45
N CYS E 135 -34.55 12.36 -20.12
CA CYS E 135 -34.42 13.80 -20.43
C CYS E 135 -35.14 14.73 -19.45
N ASP E 136 -34.86 16.03 -19.58
CA ASP E 136 -35.50 17.09 -18.80
C ASP E 136 -36.88 17.27 -19.44
N GLU E 137 -37.86 17.74 -18.67
CA GLU E 137 -39.22 17.94 -19.22
C GLU E 137 -39.24 18.85 -20.45
N LYS E 138 -38.41 19.89 -20.40
CA LYS E 138 -38.25 20.87 -21.47
C LYS E 138 -37.95 20.23 -22.83
N ASN E 139 -37.39 19.03 -22.82
CA ASN E 139 -37.02 18.33 -24.04
C ASN E 139 -37.96 17.24 -24.46
N VAL E 140 -39.01 16.96 -23.69
CA VAL E 140 -39.89 15.89 -24.09
C VAL E 140 -40.39 16.07 -25.52
N LYS E 141 -40.86 17.29 -25.84
CA LYS E 141 -41.36 17.64 -27.18
C LYS E 141 -40.31 17.22 -28.20
N PHE E 142 -39.10 17.66 -27.93
CA PHE E 142 -37.94 17.39 -28.76
C PHE E 142 -37.67 15.90 -29.03
N TYR E 143 -37.97 15.00 -28.08
CA TYR E 143 -37.72 13.57 -28.32
C TYR E 143 -38.94 12.85 -28.80
N GLU E 144 -40.11 13.44 -28.57
CA GLU E 144 -41.33 12.79 -29.04
C GLU E 144 -41.32 12.99 -30.56
N LYS E 145 -40.58 14.01 -30.99
CA LYS E 145 -40.46 14.37 -32.38
C LYS E 145 -39.37 13.55 -33.06
N CYS E 146 -38.60 12.81 -32.26
CA CYS E 146 -37.54 11.96 -32.82
C CYS E 146 -38.11 10.55 -32.88
N GLY E 147 -39.38 10.39 -32.49
CA GLY E 147 -40.02 9.09 -32.52
C GLY E 147 -40.26 8.47 -31.14
N PHE E 148 -39.73 9.11 -30.10
CA PHE E 148 -39.85 8.58 -28.75
C PHE E 148 -41.15 8.87 -28.02
N SER E 149 -41.73 7.80 -27.48
CA SER E 149 -42.97 7.86 -26.71
C SER E 149 -42.63 7.95 -25.23
N ASN E 150 -43.57 8.43 -24.43
CA ASN E 150 -43.33 8.55 -23.00
C ASN E 150 -43.34 7.17 -22.37
N ALA E 151 -42.50 6.99 -21.35
CA ALA E 151 -42.41 5.67 -20.75
C ALA E 151 -42.40 5.57 -19.24
N GLY E 152 -42.00 6.65 -18.58
CA GLY E 152 -41.93 6.61 -17.13
C GLY E 152 -41.06 7.72 -16.60
N VAL E 153 -40.73 7.59 -15.33
CA VAL E 153 -39.93 8.59 -14.62
C VAL E 153 -38.51 8.13 -14.34
N GLU E 154 -37.59 9.08 -14.41
CA GLU E 154 -36.20 8.76 -14.13
C GLU E 154 -35.96 9.15 -12.68
N GLN E 156 -33.13 9.08 -9.39
CA GLN E 156 -31.69 9.08 -9.21
C GLN E 156 -31.29 9.29 -7.74
N ILE E 157 -30.00 9.04 -7.46
CA ILE E 157 -29.43 9.19 -6.12
C ILE E 157 -27.97 9.38 -6.39
N ARG E 158 -27.27 10.17 -5.58
CA ARG E 158 -25.85 10.45 -5.82
C ARG E 158 -24.89 10.28 -4.65
N LEU F 3 -30.84 -6.90 6.18
CA LEU F 3 -31.80 -7.92 5.60
C LEU F 3 -32.61 -8.70 6.63
N PRO F 4 -33.88 -9.00 6.30
CA PRO F 4 -34.74 -9.74 7.23
C PRO F 4 -34.15 -11.09 7.55
N ASP F 5 -34.52 -11.56 8.72
CA ASP F 5 -34.08 -12.83 9.20
C ASP F 5 -34.43 -13.88 8.16
N GLY F 6 -33.47 -14.77 7.89
CA GLY F 6 -33.67 -15.87 6.95
C GLY F 6 -33.34 -15.60 5.49
N PHE F 7 -33.00 -14.35 5.18
CA PHE F 7 -32.69 -13.99 3.82
C PHE F 7 -31.23 -13.62 3.67
N TYR F 8 -30.70 -13.86 2.49
CA TYR F 8 -29.34 -13.44 2.24
C TYR F 8 -29.40 -13.06 0.78
N ILE F 9 -28.37 -12.32 0.37
CA ILE F 9 -28.21 -11.83 -0.99
C ILE F 9 -26.88 -12.35 -1.56
N ARG F 10 -26.92 -12.84 -2.79
CA ARG F 10 -25.74 -13.34 -3.49
C ARG F 10 -25.86 -12.94 -4.95
N ARG F 11 -24.81 -13.24 -5.68
CA ARG F 11 -24.76 -12.94 -7.09
C ARG F 11 -25.48 -14.12 -7.77
N GLU F 13 -26.41 -17.09 -10.41
CA GLU F 13 -25.55 -18.12 -10.96
C GLU F 13 -26.22 -18.92 -12.02
N GLU F 14 -25.47 -19.79 -12.67
CA GLU F 14 -26.03 -20.58 -13.74
C GLU F 14 -27.27 -21.42 -13.37
N GLY F 15 -27.33 -21.97 -12.18
CA GLY F 15 -28.49 -22.78 -11.82
C GLY F 15 -29.73 -22.04 -11.37
N ASP F 16 -29.64 -20.71 -11.30
CA ASP F 16 -30.76 -19.90 -10.87
C ASP F 16 -31.80 -19.70 -11.95
N LEU F 17 -31.55 -20.27 -13.14
CA LEU F 17 -32.45 -20.12 -14.30
C LEU F 17 -33.93 -20.25 -14.03
N GLU F 18 -34.37 -21.43 -13.63
CA GLU F 18 -35.77 -21.66 -13.31
C GLU F 18 -36.25 -20.62 -12.27
N GLN F 19 -35.60 -20.60 -11.11
CA GLN F 19 -36.01 -19.68 -10.05
C GLN F 19 -36.14 -18.23 -10.52
N VAL F 20 -35.13 -17.74 -11.22
CA VAL F 20 -35.17 -16.37 -11.68
C VAL F 20 -36.22 -16.10 -12.74
N THR F 21 -36.52 -17.08 -13.58
CA THR F 21 -37.54 -16.84 -14.60
C THR F 21 -38.90 -16.67 -13.95
N GLU F 22 -39.25 -17.57 -13.04
CA GLU F 22 -40.54 -17.37 -12.45
C GLU F 22 -40.68 -16.13 -11.57
N THR F 23 -39.57 -15.52 -11.13
CA THR F 23 -39.77 -14.29 -10.37
C THR F 23 -39.78 -13.10 -11.35
N LEU F 24 -39.05 -13.18 -12.47
CA LEU F 24 -39.06 -12.09 -13.41
C LEU F 24 -40.40 -12.09 -14.20
N LYS F 25 -41.06 -13.24 -14.25
CA LYS F 25 -42.35 -13.37 -14.95
C LYS F 25 -43.35 -12.33 -14.41
N VAL F 26 -43.07 -11.85 -13.21
CA VAL F 26 -43.90 -10.85 -12.55
C VAL F 26 -43.79 -9.47 -13.25
N LEU F 27 -42.59 -9.15 -13.70
CA LEU F 27 -42.30 -7.88 -14.34
C LEU F 27 -42.78 -7.85 -15.79
N THR F 28 -42.23 -8.72 -16.64
CA THR F 28 -42.65 -8.80 -18.03
C THR F 28 -42.40 -10.18 -18.51
N THR F 29 -42.44 -10.29 -19.81
CA THR F 29 -42.23 -11.56 -20.44
C THR F 29 -40.78 -11.96 -20.32
N VAL F 30 -40.57 -13.23 -19.96
CA VAL F 30 -39.24 -13.79 -19.85
C VAL F 30 -39.05 -14.61 -21.10
N GLY F 31 -39.97 -15.52 -21.29
CA GLY F 31 -39.94 -16.33 -22.47
C GLY F 31 -39.25 -17.66 -22.30
N THR F 32 -38.92 -18.23 -23.43
CA THR F 32 -38.29 -19.53 -23.45
C THR F 32 -36.80 -19.39 -23.53
N ILE F 33 -36.11 -19.77 -22.47
CA ILE F 33 -34.67 -19.65 -22.46
C ILE F 33 -34.05 -20.96 -22.09
N THR F 34 -33.20 -21.50 -22.96
CA THR F 34 -32.59 -22.77 -22.66
C THR F 34 -31.46 -22.64 -21.69
N PRO F 35 -31.17 -23.73 -21.00
CA PRO F 35 -30.08 -23.73 -20.03
C PRO F 35 -28.72 -23.49 -20.70
N GLU F 36 -28.54 -23.97 -21.93
CA GLU F 36 -27.27 -23.74 -22.63
C GLU F 36 -27.08 -22.21 -22.81
N SER F 37 -28.11 -21.54 -23.35
CA SER F 37 -28.12 -20.09 -23.57
C SER F 37 -27.87 -19.32 -22.28
N PHE F 38 -28.59 -19.66 -21.22
CA PHE F 38 -28.46 -18.97 -19.96
C PHE F 38 -27.07 -19.13 -19.35
N CYS F 39 -26.47 -20.30 -19.52
CA CYS F 39 -25.11 -20.57 -19.03
C CYS F 39 -24.16 -19.63 -19.75
N LYS F 40 -24.38 -19.42 -21.05
CA LYS F 40 -23.52 -18.47 -21.76
C LYS F 40 -23.75 -17.03 -21.27
N LEU F 41 -25.00 -16.65 -21.01
CA LEU F 41 -25.27 -15.30 -20.54
C LEU F 41 -24.58 -15.03 -19.17
N ILE F 42 -24.64 -16.01 -18.26
CA ILE F 42 -24.01 -15.84 -16.95
C ILE F 42 -22.46 -15.77 -17.13
N LYS F 43 -21.95 -16.50 -18.11
CA LYS F 43 -20.51 -16.50 -18.39
C LYS F 43 -20.16 -15.06 -18.74
N TYR F 44 -20.94 -14.52 -19.67
CA TYR F 44 -20.75 -13.15 -20.10
C TYR F 44 -20.84 -12.18 -18.90
N TRP F 45 -21.92 -12.28 -18.15
CA TRP F 45 -22.05 -11.39 -17.04
C TRP F 45 -20.95 -11.57 -15.99
N ASN F 46 -20.31 -12.74 -15.92
CA ASN F 46 -19.26 -12.89 -14.94
C ASN F 46 -17.89 -12.60 -15.49
N GLU F 47 -17.78 -12.29 -16.78
CA GLU F 47 -16.49 -11.95 -17.36
C GLU F 47 -16.34 -10.47 -17.78
N ALA F 48 -17.44 -9.80 -18.12
CA ALA F 48 -17.39 -8.42 -18.54
C ALA F 48 -17.02 -7.50 -17.38
N THR F 49 -15.91 -6.79 -17.56
CA THR F 49 -15.43 -5.91 -16.54
C THR F 49 -15.35 -4.51 -17.10
N VAL F 50 -15.42 -3.53 -16.20
CA VAL F 50 -15.31 -2.13 -16.58
C VAL F 50 -13.87 -1.69 -16.30
N TRP F 51 -13.21 -1.17 -17.33
CA TRP F 51 -11.83 -0.69 -17.20
C TRP F 51 -11.67 0.39 -16.13
N ASN F 52 -10.69 0.20 -15.25
CA ASN F 52 -10.37 1.19 -14.22
C ASN F 52 -8.88 1.14 -13.93
N ASP F 53 -8.36 2.22 -13.34
CA ASP F 53 -6.94 2.24 -13.05
C ASP F 53 -6.64 2.16 -11.56
N ASN F 54 -7.53 1.51 -10.82
CA ASN F 54 -7.34 1.30 -9.39
C ASN F 54 -6.26 0.22 -9.34
N GLU F 55 -5.52 0.15 -8.26
CA GLU F 55 -4.46 -0.83 -8.20
C GLU F 55 -5.01 -2.27 -8.24
N ASP F 56 -5.96 -2.59 -7.38
CA ASP F 56 -6.49 -3.94 -7.31
C ASP F 56 -8.00 -3.93 -7.12
N LYS F 57 -8.70 -3.35 -8.07
CA LYS F 57 -10.14 -3.24 -7.97
C LYS F 57 -10.74 -3.75 -9.25
N LYS F 58 -11.67 -4.67 -9.08
CA LYS F 58 -12.37 -5.30 -10.18
C LYS F 58 -13.76 -4.68 -10.17
N ILE F 59 -14.21 -4.23 -11.32
CA ILE F 59 -15.52 -3.64 -11.43
C ILE F 59 -16.34 -4.43 -12.47
N GLN F 61 -19.32 -5.11 -14.94
CA GLN F 61 -20.33 -4.37 -15.69
C GLN F 61 -21.72 -4.73 -15.20
N TYR F 62 -21.98 -6.04 -15.08
CA TYR F 62 -23.29 -6.54 -14.62
C TYR F 62 -23.23 -7.07 -13.18
N ASN F 63 -24.24 -6.79 -12.39
CA ASN F 63 -24.24 -7.28 -11.02
C ASN F 63 -25.60 -7.83 -10.75
N PRO F 64 -25.89 -9.00 -11.34
CA PRO F 64 -27.22 -9.57 -11.11
C PRO F 64 -27.31 -10.14 -9.72
N VAL F 66 -29.72 -11.67 -6.35
CA VAL F 66 -30.92 -12.38 -6.00
C VAL F 66 -30.96 -12.40 -4.49
N ILE F 67 -32.13 -12.19 -3.90
CA ILE F 67 -32.26 -12.29 -2.45
C ILE F 67 -32.92 -13.65 -2.32
N VAL F 68 -32.28 -14.52 -1.55
CA VAL F 68 -32.69 -15.90 -1.36
C VAL F 68 -33.28 -16.23 0.01
N ASP F 69 -34.35 -17.00 0.06
CA ASP F 69 -34.89 -17.39 1.38
C ASP F 69 -33.97 -18.52 1.90
N LYS F 70 -33.23 -18.30 2.98
CA LYS F 70 -32.33 -19.34 3.48
C LYS F 70 -33.06 -20.62 3.89
N ARG F 71 -34.33 -20.49 4.29
CA ARG F 71 -35.15 -21.62 4.71
C ARG F 71 -35.22 -22.69 3.64
N THR F 72 -35.46 -22.26 2.41
CA THR F 72 -35.64 -23.20 1.31
C THR F 72 -34.80 -22.93 0.07
N GLU F 73 -33.87 -21.99 0.17
CA GLU F 73 -33.03 -21.57 -0.96
C GLU F 73 -33.82 -21.12 -2.17
N THR F 74 -35.02 -20.57 -1.98
CA THR F 74 -35.77 -20.15 -3.13
C THR F 74 -35.60 -18.66 -3.35
N VAL F 75 -35.49 -18.24 -4.61
CA VAL F 75 -35.30 -16.83 -4.88
C VAL F 75 -36.53 -16.01 -4.56
N ALA F 76 -36.36 -15.02 -3.70
CA ALA F 76 -37.43 -14.14 -3.26
C ALA F 76 -37.49 -12.82 -4.00
N ALA F 77 -36.36 -12.40 -4.59
CA ALA F 77 -36.28 -11.15 -5.33
C ALA F 77 -35.02 -11.13 -6.15
N THR F 78 -35.05 -10.38 -7.23
CA THR F 78 -33.90 -10.26 -8.10
C THR F 78 -33.76 -8.85 -8.66
N GLY F 79 -32.53 -8.39 -8.76
CA GLY F 79 -32.29 -7.04 -9.29
C GLY F 79 -30.89 -6.97 -9.86
N ASN F 80 -30.66 -5.99 -10.73
CA ASN F 80 -29.36 -5.85 -11.37
C ASN F 80 -29.00 -4.36 -11.38
N ILE F 81 -27.71 -4.09 -11.35
CA ILE F 81 -27.24 -2.73 -11.50
C ILE F 81 -26.10 -2.87 -12.52
N ILE F 82 -26.24 -2.18 -13.63
CA ILE F 82 -25.27 -2.20 -14.73
C ILE F 82 -24.37 -0.95 -14.65
N ILE F 83 -23.06 -1.14 -14.67
CA ILE F 83 -22.12 -0.05 -14.54
C ILE F 83 -21.57 0.46 -15.89
N GLU F 84 -21.60 1.78 -16.07
CA GLU F 84 -21.14 2.41 -17.30
C GLU F 84 -20.03 3.44 -17.07
N ARG F 85 -19.14 3.56 -18.05
CA ARG F 85 -18.03 4.51 -18.03
C ARG F 85 -18.40 5.58 -18.99
N LYS F 86 -18.38 6.82 -18.53
CA LYS F 86 -18.75 7.97 -19.35
C LYS F 86 -17.51 8.84 -19.53
N ILE F 87 -17.61 9.90 -20.35
CA ILE F 87 -16.48 10.84 -20.49
C ILE F 87 -16.69 11.93 -19.39
N ILE F 88 -17.92 12.42 -19.29
CA ILE F 88 -18.26 13.47 -18.32
C ILE F 88 -17.91 13.07 -16.90
N HIS F 89 -17.86 14.05 -16.02
CA HIS F 89 -17.51 13.84 -14.62
C HIS F 89 -16.19 13.18 -14.45
N GLU F 90 -15.19 13.63 -15.21
CA GLU F 90 -13.82 13.10 -15.17
C GLU F 90 -13.80 11.61 -15.52
N LEU F 91 -14.42 11.22 -16.64
CA LEU F 91 -14.50 9.79 -17.05
C LEU F 91 -15.11 9.10 -15.84
N GLY F 92 -16.32 9.51 -15.52
CA GLY F 92 -16.97 8.96 -14.35
C GLY F 92 -17.80 7.72 -14.55
N LEU F 93 -18.08 7.06 -13.42
CA LEU F 93 -18.88 5.86 -13.43
C LEU F 93 -20.26 6.22 -13.02
N CYS F 94 -21.20 5.69 -13.79
CA CYS F 94 -22.62 5.88 -13.57
C CYS F 94 -23.33 4.51 -13.48
N GLY F 95 -24.17 4.31 -12.46
CA GLY F 95 -24.87 3.04 -12.27
C GLY F 95 -26.28 2.99 -12.84
N HIS F 96 -26.72 1.84 -13.34
CA HIS F 96 -28.08 1.73 -13.85
C HIS F 96 -28.76 0.55 -13.19
N ILE F 97 -29.77 0.81 -12.38
CA ILE F 97 -30.43 -0.29 -11.76
C ILE F 97 -31.54 -0.75 -12.68
N GLU F 98 -31.56 -2.04 -12.98
CA GLU F 98 -32.57 -2.60 -13.89
C GLU F 98 -33.26 -3.85 -13.36
N ASP F 99 -34.36 -4.19 -14.02
CA ASP F 99 -35.12 -5.39 -13.77
C ASP F 99 -35.32 -5.81 -12.33
N ILE F 100 -35.91 -4.94 -11.52
CA ILE F 100 -36.17 -5.28 -10.13
C ILE F 100 -37.44 -6.13 -10.09
N ALA F 101 -37.41 -7.30 -9.48
CA ALA F 101 -38.64 -8.08 -9.40
C ALA F 101 -38.75 -8.86 -8.09
N VAL F 102 -39.82 -8.65 -7.34
CA VAL F 102 -40.01 -9.39 -6.10
C VAL F 102 -40.85 -10.64 -6.38
N ASN F 103 -40.42 -11.78 -5.88
CA ASN F 103 -41.19 -12.97 -6.12
C ASN F 103 -42.51 -12.84 -5.37
N SER F 104 -43.61 -13.29 -6.00
CA SER F 104 -44.95 -13.19 -5.42
C SER F 104 -45.16 -13.83 -4.04
N LYS F 105 -44.52 -14.95 -3.78
CA LYS F 105 -44.71 -15.56 -2.48
C LYS F 105 -44.17 -14.60 -1.43
N TYR F 106 -43.32 -13.65 -1.86
CA TYR F 106 -42.69 -12.72 -0.91
C TYR F 106 -43.02 -11.29 -1.05
N GLN F 107 -44.06 -10.95 -1.78
CA GLN F 107 -44.37 -9.55 -1.92
C GLN F 107 -44.99 -8.94 -0.74
N GLY F 108 -44.95 -7.63 -0.80
CA GLY F 108 -45.47 -6.75 0.20
C GLY F 108 -44.85 -6.89 1.56
N GLN F 109 -43.69 -7.52 1.66
CA GLN F 109 -43.08 -7.74 2.97
C GLN F 109 -41.59 -7.46 3.10
N GLY F 110 -41.19 -6.19 3.13
CA GLY F 110 -39.77 -5.91 3.28
C GLY F 110 -39.04 -5.63 1.96
N LEU F 111 -38.39 -6.69 1.50
CA LEU F 111 -37.58 -6.84 0.30
C LEU F 111 -37.26 -5.98 -0.88
N GLY F 112 -38.19 -5.23 -1.45
CA GLY F 112 -37.85 -4.49 -2.63
C GLY F 112 -36.86 -3.40 -2.29
N LYS F 113 -37.22 -2.71 -1.21
CA LYS F 113 -36.46 -1.60 -0.66
C LYS F 113 -35.07 -2.10 -0.25
N LEU F 114 -35.01 -3.32 0.27
CA LEU F 114 -33.74 -3.86 0.70
C LEU F 114 -32.88 -4.24 -0.49
N LEU F 115 -33.53 -4.64 -1.57
CA LEU F 115 -32.82 -5.01 -2.75
C LEU F 115 -32.20 -3.75 -3.29
N ILE F 116 -33.03 -2.72 -3.34
CA ILE F 116 -32.61 -1.44 -3.89
C ILE F 116 -31.42 -0.83 -3.21
N ASP F 117 -31.39 -0.85 -1.89
CA ASP F 117 -30.26 -0.22 -1.32
C ASP F 117 -28.99 -1.08 -1.27
N GLN F 118 -29.15 -2.37 -1.55
CA GLN F 118 -28.01 -3.26 -1.60
C GLN F 118 -27.28 -2.89 -2.94
N LEU F 119 -28.06 -2.84 -4.02
CA LEU F 119 -27.59 -2.48 -5.36
C LEU F 119 -26.89 -1.11 -5.33
N VAL F 120 -27.56 -0.14 -4.73
CA VAL F 120 -27.02 1.20 -4.57
C VAL F 120 -25.62 1.08 -3.94
N THR F 121 -25.52 0.32 -2.86
CA THR F 121 -24.25 0.12 -2.18
C THR F 121 -23.13 -0.40 -3.11
N ILE F 122 -23.45 -1.44 -3.87
CA ILE F 122 -22.54 -2.06 -4.83
C ILE F 122 -22.05 -0.98 -5.79
N GLY F 123 -22.96 -0.17 -6.33
CA GLY F 123 -22.58 0.90 -7.24
C GLY F 123 -21.70 2.02 -6.66
N PHE F 124 -22.03 2.55 -5.49
CA PHE F 124 -21.27 3.64 -4.92
C PHE F 124 -19.92 3.12 -4.47
N ASP F 125 -19.89 1.86 -4.07
CA ASP F 125 -18.66 1.19 -3.65
C ASP F 125 -17.71 1.13 -4.82
N TYR F 126 -18.25 0.93 -6.02
CA TYR F 126 -17.46 0.86 -7.25
C TYR F 126 -16.85 2.24 -7.60
N GLY F 127 -17.59 3.29 -7.26
CA GLY F 127 -17.11 4.63 -7.52
C GLY F 127 -18.09 5.47 -8.32
N CYS F 128 -19.28 4.92 -8.58
CA CYS F 128 -20.28 5.65 -9.32
C CYS F 128 -20.55 6.96 -8.57
N TYR F 129 -20.58 8.06 -9.29
CA TYR F 129 -20.86 9.33 -8.67
C TYR F 129 -22.38 9.47 -8.73
N LYS F 130 -23.01 8.70 -9.61
CA LYS F 130 -24.45 8.75 -9.73
C LYS F 130 -25.03 7.37 -10.06
N ILE F 131 -26.29 7.14 -9.71
CA ILE F 131 -26.98 5.87 -9.98
C ILE F 131 -28.41 6.16 -10.42
N ILE F 132 -28.84 5.61 -11.55
CA ILE F 132 -30.19 5.90 -11.96
C ILE F 132 -31.02 4.66 -12.25
N LEU F 133 -32.33 4.85 -12.40
CA LEU F 133 -33.28 3.80 -12.72
C LEU F 133 -34.55 4.47 -13.18
N ASP F 134 -35.31 3.77 -14.00
CA ASP F 134 -36.56 4.30 -14.49
C ASP F 134 -37.67 3.54 -13.80
N CYS F 135 -38.85 4.14 -13.70
CA CYS F 135 -39.97 3.44 -13.06
C CYS F 135 -41.31 3.98 -13.51
N ASP F 136 -42.37 3.27 -13.16
CA ASP F 136 -43.71 3.71 -13.50
C ASP F 136 -44.15 4.72 -12.44
N GLU F 137 -45.05 5.62 -12.84
CA GLU F 137 -45.61 6.67 -11.98
C GLU F 137 -46.01 6.19 -10.58
N LYS F 138 -46.82 5.13 -10.53
CA LYS F 138 -47.28 4.58 -9.26
C LYS F 138 -46.18 4.10 -8.27
N ASN F 139 -44.93 4.06 -8.72
CA ASN F 139 -43.86 3.61 -7.83
C ASN F 139 -42.90 4.71 -7.45
N VAL F 140 -43.16 5.91 -7.92
CA VAL F 140 -42.28 7.02 -7.59
C VAL F 140 -42.13 7.22 -6.08
N LYS F 141 -43.25 7.23 -5.35
CA LYS F 141 -43.19 7.37 -3.90
C LYS F 141 -42.28 6.27 -3.37
N PHE F 142 -42.52 5.05 -3.84
CA PHE F 142 -41.69 3.92 -3.45
C PHE F 142 -40.19 4.20 -3.60
N TYR F 143 -39.79 4.80 -4.71
CA TYR F 143 -38.38 5.07 -4.90
C TYR F 143 -37.92 6.30 -4.16
N GLU F 144 -38.84 7.24 -4.01
CA GLU F 144 -38.51 8.45 -3.29
C GLU F 144 -38.16 8.04 -1.85
N LYS F 145 -38.77 6.95 -1.39
CA LYS F 145 -38.53 6.41 -0.05
C LYS F 145 -37.24 5.60 0.08
N CYS F 146 -36.60 5.24 -1.03
CA CYS F 146 -35.35 4.50 -0.96
C CYS F 146 -34.21 5.45 -1.13
N GLY F 147 -34.52 6.74 -1.18
CA GLY F 147 -33.48 7.75 -1.30
C GLY F 147 -33.36 8.43 -2.64
N PHE F 148 -34.21 8.02 -3.58
CA PHE F 148 -34.20 8.56 -4.92
C PHE F 148 -35.01 9.82 -5.13
N SER F 149 -34.39 10.75 -5.83
CA SER F 149 -34.99 12.02 -6.17
C SER F 149 -35.35 11.99 -7.63
N ASN F 150 -36.40 12.73 -7.98
CA ASN F 150 -36.87 12.80 -9.35
C ASN F 150 -35.76 13.39 -10.21
N ALA F 151 -35.74 13.00 -11.49
CA ALA F 151 -34.68 13.47 -12.36
C ALA F 151 -35.03 13.75 -13.79
N GLY F 152 -36.14 13.24 -14.27
CA GLY F 152 -36.47 13.50 -15.65
C GLY F 152 -37.47 12.49 -16.12
N VAL F 153 -37.71 12.49 -17.42
CA VAL F 153 -38.66 11.58 -18.04
C VAL F 153 -37.95 10.48 -18.81
N GLU F 154 -38.56 9.29 -18.83
CA GLU F 154 -38.00 8.16 -19.53
C GLU F 154 -38.75 8.00 -20.85
N GLN F 156 -38.90 6.16 -24.81
CA GLN F 156 -38.54 4.88 -25.39
C GLN F 156 -39.07 4.70 -26.82
N ILE F 157 -38.60 3.64 -27.48
CA ILE F 157 -39.07 3.28 -28.80
C ILE F 157 -38.77 1.80 -28.96
N ARG F 158 -39.65 1.12 -29.66
CA ARG F 158 -39.54 -0.32 -29.90
C ARG F 158 -39.75 -0.46 -31.41
#